data_6NS7
#
_entry.id   6NS7
#
_cell.length_a   120.712
_cell.length_b   121.092
_cell.length_c   78.431
_cell.angle_alpha   90.00
_cell.angle_beta   90.00
_cell.angle_gamma   90.00
#
_symmetry.space_group_name_H-M   'P 21 21 2'
#
loop_
_entity.id
_entity.type
_entity.pdbx_description
1 polymer Caspase-11
2 non-polymer 'SULFATE ION'
3 water water
#
_entity_poly.entity_id   1
_entity_poly.type   'polypeptide(L)'
_entity_poly.pdbx_seq_one_letter_code
;GSMEEPEESLNTLKLCSPEEFTRLCREKTQEIYPIKEANGRTRKALIICNTEFKHLSLRYGANFDIIGMKGLLEDLGYDV
VVKEELTAEGMESEMKDFAALSEHQTSDSTFLVLMSHGTLHGICGTMHSEKTPDVLQYDTIYQIFNNCHCPGLRDKPKVI
IVQAARGGNSGEMWIRESSKPQLCRGVDLPRNMEADAVKLSHVEKDFIAFYSTTPHHLSYRDKTGGSYFITRLISCFRKH
ACSCHLFDIFLKVQQSFEKASIHSQMPTIDRATLTRYFYLFPGN
;
_entity_poly.pdbx_strand_id   A,B,C,D
#
# COMPACT_ATOMS: atom_id res chain seq x y z
N ASN A 11 -1.68 -8.35 -33.24
CA ASN A 11 -0.98 -8.65 -34.48
C ASN A 11 -1.59 -9.82 -35.26
N THR A 12 -1.25 -11.04 -34.86
CA THR A 12 -1.82 -12.24 -35.44
C THR A 12 -2.39 -13.08 -34.32
N LEU A 13 -3.39 -13.89 -34.65
CA LEU A 13 -3.99 -14.74 -33.62
C LEU A 13 -3.05 -15.89 -33.32
N LYS A 14 -2.77 -16.10 -32.04
CA LYS A 14 -1.81 -17.11 -31.65
C LYS A 14 -2.55 -18.39 -31.36
N LEU A 15 -1.97 -19.52 -31.76
CA LEU A 15 -2.74 -20.75 -31.85
C LEU A 15 -2.46 -21.69 -30.68
N CYS A 16 -3.50 -22.38 -30.21
CA CYS A 16 -3.34 -23.43 -29.21
C CYS A 16 -2.80 -24.73 -29.84
N SER A 17 -1.76 -25.30 -29.24
CA SER A 17 -1.23 -26.58 -29.71
C SER A 17 -2.31 -27.67 -29.65
N PRO A 18 -2.36 -28.58 -30.63
CA PRO A 18 -3.24 -29.76 -30.49
C PRO A 18 -3.10 -30.48 -29.15
N GLU A 19 -1.86 -30.63 -28.67
CA GLU A 19 -1.59 -31.20 -27.36
C GLU A 19 -2.36 -30.51 -26.26
N GLU A 20 -2.19 -29.19 -26.12
CA GLU A 20 -2.85 -28.49 -25.03
C GLU A 20 -4.36 -28.55 -25.17
N PHE A 21 -4.86 -28.54 -26.41
CA PHE A 21 -6.26 -28.83 -26.68
C PHE A 21 -6.67 -30.18 -26.10
N THR A 22 -6.04 -31.26 -26.57
CA THR A 22 -6.47 -32.59 -26.14
C THR A 22 -6.36 -32.76 -24.64
N ARG A 23 -5.28 -32.25 -24.04
CA ARG A 23 -5.09 -32.40 -22.60
C ARG A 23 -6.25 -31.78 -21.82
N LEU A 24 -6.58 -30.52 -22.13
CA LEU A 24 -7.61 -29.82 -21.38
C LEU A 24 -8.99 -30.45 -21.56
N CYS A 25 -9.28 -30.94 -22.76
CA CYS A 25 -10.57 -31.59 -22.98
C CYS A 25 -10.67 -32.93 -22.28
N ARG A 26 -9.53 -33.49 -21.87
CA ARG A 26 -9.49 -34.77 -21.17
C ARG A 26 -9.35 -34.58 -19.67
N GLU A 27 -8.54 -33.64 -19.22
CA GLU A 27 -8.38 -33.41 -17.79
C GLU A 27 -9.56 -32.62 -17.23
N LYS A 28 -10.06 -31.63 -17.99
CA LYS A 28 -11.13 -30.85 -17.37
C LYS A 28 -12.41 -30.99 -18.18
N THR A 29 -12.93 -32.20 -18.36
CA THR A 29 -14.02 -32.39 -19.30
C THR A 29 -15.34 -31.82 -18.77
N GLN A 30 -15.53 -31.81 -17.46
CA GLN A 30 -16.79 -31.38 -16.89
C GLN A 30 -16.75 -29.94 -16.38
N GLU A 31 -15.62 -29.27 -16.51
CA GLU A 31 -15.52 -27.85 -16.23
C GLU A 31 -15.40 -27.01 -17.49
N ILE A 32 -15.41 -27.63 -18.67
CA ILE A 32 -15.22 -26.94 -19.94
C ILE A 32 -16.41 -27.18 -20.84
N TYR A 33 -16.79 -26.15 -21.60
CA TYR A 33 -17.75 -26.33 -22.69
C TYR A 33 -17.13 -27.19 -23.78
N PRO A 34 -17.83 -28.22 -24.25
CA PRO A 34 -17.27 -29.05 -25.32
C PRO A 34 -17.18 -28.26 -26.62
N ILE A 35 -16.17 -28.65 -27.37
CA ILE A 35 -15.70 -27.99 -28.57
C ILE A 35 -15.88 -28.93 -29.74
N LYS A 36 -16.31 -28.42 -30.89
CA LYS A 36 -16.31 -29.35 -32.01
C LYS A 36 -15.02 -29.18 -32.83
N GLU A 37 -14.46 -30.27 -33.26
CA GLU A 37 -13.34 -30.16 -34.17
C GLU A 37 -13.79 -29.78 -35.58
N ALA A 38 -12.90 -28.99 -36.20
CA ALA A 38 -13.21 -28.05 -37.26
C ALA A 38 -13.70 -28.75 -38.51
N ASN A 39 -13.59 -30.06 -38.59
CA ASN A 39 -13.93 -30.71 -39.84
C ASN A 39 -15.37 -30.48 -40.29
N GLY A 40 -16.37 -30.87 -39.49
CA GLY A 40 -17.70 -30.56 -39.91
C GLY A 40 -18.27 -29.40 -39.13
N ARG A 41 -17.40 -28.57 -38.58
CA ARG A 41 -17.84 -27.50 -37.69
C ARG A 41 -18.30 -26.33 -38.55
N THR A 42 -19.42 -25.71 -38.17
CA THR A 42 -19.98 -24.54 -38.85
C THR A 42 -20.32 -23.43 -37.84
N ARG A 43 -19.32 -22.98 -37.07
CA ARG A 43 -19.55 -21.89 -36.14
C ARG A 43 -20.09 -20.65 -36.85
N LYS A 44 -21.05 -19.97 -36.23
CA LYS A 44 -21.63 -18.76 -36.78
C LYS A 44 -21.55 -17.62 -35.78
N ALA A 45 -21.35 -16.41 -36.30
CA ALA A 45 -21.28 -15.22 -35.47
C ALA A 45 -22.00 -14.09 -36.19
N LEU A 46 -22.60 -13.18 -35.42
CA LEU A 46 -23.38 -12.09 -35.96
C LEU A 46 -22.84 -10.75 -35.49
N ILE A 47 -22.68 -9.82 -36.44
CA ILE A 47 -22.38 -8.43 -36.14
C ILE A 47 -23.53 -7.58 -36.64
N ILE A 48 -24.10 -6.75 -35.76
CA ILE A 48 -25.09 -5.73 -36.10
C ILE A 48 -24.47 -4.37 -35.81
N CYS A 49 -24.41 -3.50 -36.82
CA CYS A 49 -23.82 -2.18 -36.63
C CYS A 49 -24.64 -1.12 -37.34
N ASN A 50 -25.00 -0.05 -36.62
CA ASN A 50 -25.63 1.13 -37.18
C ASN A 50 -24.67 2.31 -37.11
N THR A 51 -24.39 2.93 -38.26
CA THR A 51 -23.51 4.08 -38.37
C THR A 51 -24.24 5.40 -38.60
N GLU A 52 -25.13 5.48 -39.60
CA GLU A 52 -25.90 6.70 -39.86
C GLU A 52 -27.31 6.57 -39.31
N PHE A 53 -27.86 7.71 -38.89
CA PHE A 53 -29.13 7.76 -38.17
C PHE A 53 -29.98 8.90 -38.71
N LYS A 54 -31.30 8.74 -38.61
CA LYS A 54 -32.19 9.77 -39.14
C LYS A 54 -32.14 11.03 -38.28
N HIS A 55 -31.89 10.88 -36.98
CA HIS A 55 -31.88 12.00 -36.04
C HIS A 55 -30.67 12.07 -35.13
N LEU A 56 -29.79 11.09 -35.13
CA LEU A 56 -28.68 11.07 -34.20
C LEU A 56 -27.35 11.18 -34.93
N SER A 57 -26.34 11.58 -34.16
CA SER A 57 -25.01 11.80 -34.69
C SER A 57 -24.48 10.56 -35.39
N LEU A 58 -23.67 10.80 -36.41
CA LEU A 58 -22.98 9.74 -37.11
C LEU A 58 -21.99 9.05 -36.19
N ARG A 59 -21.89 7.72 -36.32
CA ARG A 59 -20.93 6.97 -35.51
C ARG A 59 -19.69 6.73 -36.36
N TYR A 60 -18.91 7.80 -36.53
CA TYR A 60 -17.69 7.67 -37.31
C TYR A 60 -16.75 6.65 -36.69
N GLY A 61 -16.06 5.89 -37.55
CA GLY A 61 -15.15 4.87 -37.09
C GLY A 61 -15.78 3.52 -36.81
N ALA A 62 -17.12 3.41 -36.84
CA ALA A 62 -17.75 2.13 -36.60
C ALA A 62 -17.26 1.06 -37.58
N ASN A 63 -16.95 1.47 -38.81
CA ASN A 63 -16.46 0.52 -39.81
C ASN A 63 -15.17 -0.16 -39.38
N PHE A 64 -14.25 0.59 -38.75
CA PHE A 64 -13.01 0.02 -38.21
C PHE A 64 -13.32 -1.08 -37.21
N ASP A 65 -14.35 -0.88 -36.37
CA ASP A 65 -14.74 -1.88 -35.39
C ASP A 65 -15.33 -3.10 -36.08
N ILE A 66 -16.13 -2.88 -37.12
CA ILE A 66 -16.69 -4.04 -37.86
C ILE A 66 -15.58 -4.89 -38.42
N ILE A 67 -14.67 -4.24 -39.15
CA ILE A 67 -13.62 -4.97 -39.84
C ILE A 67 -12.66 -5.64 -38.86
N GLY A 68 -12.33 -4.97 -37.77
CA GLY A 68 -11.48 -5.60 -36.78
C GLY A 68 -12.15 -6.82 -36.15
N MET A 69 -13.44 -6.70 -35.82
CA MET A 69 -14.09 -7.79 -35.10
C MET A 69 -14.51 -8.92 -36.02
N LYS A 70 -14.84 -8.63 -37.26
CA LYS A 70 -15.05 -9.70 -38.22
C LYS A 70 -13.76 -10.50 -38.41
N GLY A 71 -12.61 -9.81 -38.44
CA GLY A 71 -11.33 -10.47 -38.59
C GLY A 71 -10.96 -11.32 -37.38
N LEU A 72 -11.26 -10.84 -36.18
CA LEU A 72 -11.05 -11.64 -34.98
C LEU A 72 -11.91 -12.91 -35.03
N LEU A 73 -13.21 -12.75 -35.29
CA LEU A 73 -14.10 -13.90 -35.26
C LEU A 73 -13.69 -14.95 -36.28
N GLU A 74 -13.32 -14.51 -37.49
CA GLU A 74 -12.91 -15.46 -38.51
C GLU A 74 -11.65 -16.21 -38.08
N ASP A 75 -10.72 -15.51 -37.43
CA ASP A 75 -9.50 -16.18 -36.97
C ASP A 75 -9.78 -17.17 -35.84
N LEU A 76 -10.94 -17.06 -35.21
CA LEU A 76 -11.40 -18.01 -34.21
C LEU A 76 -12.36 -19.03 -34.81
N GLY A 77 -12.43 -19.12 -36.13
CA GLY A 77 -13.21 -20.16 -36.77
C GLY A 77 -14.69 -19.87 -36.99
N TYR A 78 -15.16 -18.63 -36.79
CA TYR A 78 -16.56 -18.27 -37.05
C TYR A 78 -16.72 -17.68 -38.44
N ASP A 79 -17.77 -18.10 -39.14
CA ASP A 79 -18.22 -17.41 -40.35
C ASP A 79 -19.19 -16.29 -39.94
N VAL A 80 -18.90 -15.06 -40.33
CA VAL A 80 -19.48 -13.87 -39.69
C VAL A 80 -20.57 -13.29 -40.58
N VAL A 81 -21.76 -13.16 -40.02
CA VAL A 81 -22.85 -12.42 -40.67
C VAL A 81 -22.81 -10.98 -40.19
N VAL A 82 -22.85 -10.05 -41.14
CA VAL A 82 -22.84 -8.62 -40.85
C VAL A 82 -24.09 -8.00 -41.45
N LYS A 83 -24.88 -7.36 -40.61
CA LYS A 83 -26.06 -6.64 -41.07
C LYS A 83 -25.99 -5.23 -40.50
N GLU A 84 -26.23 -4.24 -41.34
CA GLU A 84 -26.01 -2.84 -40.96
C GLU A 84 -27.23 -1.97 -41.28
N GLU A 85 -27.31 -0.87 -40.53
CA GLU A 85 -28.35 0.13 -40.60
C GLU A 85 -29.74 -0.49 -40.55
N LEU A 86 -30.07 -0.94 -39.35
CA LEU A 86 -31.36 -1.56 -39.07
C LEU A 86 -32.16 -0.73 -38.09
N THR A 87 -33.48 -0.75 -38.27
CA THR A 87 -34.35 -0.33 -37.18
C THR A 87 -34.40 -1.41 -36.10
N ALA A 88 -35.01 -1.06 -34.96
CA ALA A 88 -35.21 -2.04 -33.90
C ALA A 88 -35.96 -3.25 -34.42
N GLU A 89 -37.00 -3.03 -35.22
CA GLU A 89 -37.73 -4.13 -35.82
C GLU A 89 -36.81 -4.97 -36.69
N GLY A 90 -35.95 -4.31 -37.49
CA GLY A 90 -35.01 -5.02 -38.31
C GLY A 90 -33.95 -5.79 -37.52
N MET A 91 -33.51 -5.24 -36.38
CA MET A 91 -32.56 -5.97 -35.55
C MET A 91 -33.21 -7.22 -34.97
N GLU A 92 -34.45 -7.09 -34.49
CA GLU A 92 -35.22 -8.23 -34.00
C GLU A 92 -35.34 -9.30 -35.07
N SER A 93 -35.66 -8.89 -36.31
CA SER A 93 -35.89 -9.83 -37.39
C SER A 93 -34.60 -10.57 -37.77
N GLU A 94 -33.48 -9.86 -37.82
CA GLU A 94 -32.23 -10.52 -38.21
C GLU A 94 -31.77 -11.51 -37.14
N MET A 95 -31.88 -11.12 -35.86
CA MET A 95 -31.47 -12.03 -34.79
C MET A 95 -32.33 -13.29 -34.78
N LYS A 96 -33.63 -13.19 -35.09
CA LYS A 96 -34.44 -14.40 -35.15
C LYS A 96 -34.03 -15.27 -36.32
N ASP A 97 -33.83 -14.65 -37.48
CA ASP A 97 -33.31 -15.40 -38.63
C ASP A 97 -31.96 -16.03 -38.29
N PHE A 98 -31.10 -15.28 -37.59
CA PHE A 98 -29.79 -15.82 -37.23
C PHE A 98 -29.92 -16.95 -36.20
N ALA A 99 -30.85 -16.81 -35.25
CA ALA A 99 -31.01 -17.85 -34.24
C ALA A 99 -31.46 -19.17 -34.85
N ALA A 100 -32.27 -19.13 -35.92
CA ALA A 100 -32.86 -20.32 -36.52
C ALA A 100 -31.96 -21.06 -37.50
N LEU A 101 -30.75 -20.54 -37.75
CA LEU A 101 -29.86 -21.09 -38.77
C LEU A 101 -29.49 -22.55 -38.49
N SER A 102 -29.69 -23.43 -39.49
CA SER A 102 -29.24 -24.81 -39.36
C SER A 102 -27.85 -24.91 -38.75
N GLU A 103 -26.89 -24.09 -39.22
CA GLU A 103 -25.48 -24.34 -38.91
C GLU A 103 -25.13 -24.26 -37.41
N HIS A 104 -26.01 -23.74 -36.55
CA HIS A 104 -25.74 -23.78 -35.11
C HIS A 104 -25.71 -25.22 -34.57
N GLN A 105 -26.47 -26.11 -35.21
CA GLN A 105 -26.50 -27.50 -34.81
C GLN A 105 -25.10 -28.13 -34.90
N THR A 106 -24.30 -27.73 -35.90
CA THR A 106 -22.95 -28.24 -36.10
C THR A 106 -21.88 -27.27 -35.58
N SER A 107 -22.28 -26.37 -34.70
CA SER A 107 -21.41 -25.43 -34.04
C SER A 107 -21.46 -25.70 -32.53
N ASP A 108 -20.55 -25.06 -31.82
CA ASP A 108 -20.42 -25.20 -30.38
C ASP A 108 -20.65 -23.90 -29.61
N SER A 109 -20.97 -22.80 -30.30
CA SER A 109 -21.03 -21.53 -29.60
C SER A 109 -21.45 -20.44 -30.57
N THR A 110 -21.60 -19.22 -30.06
CA THR A 110 -21.90 -18.09 -30.94
C THR A 110 -21.39 -16.80 -30.27
N PHE A 111 -21.16 -15.78 -31.10
CA PHE A 111 -20.88 -14.43 -30.63
C PHE A 111 -21.87 -13.49 -31.31
N LEU A 112 -22.49 -12.60 -30.53
CA LEU A 112 -23.38 -11.56 -31.06
C LEU A 112 -22.72 -10.24 -30.74
N VAL A 113 -22.37 -9.47 -31.76
CA VAL A 113 -21.71 -8.18 -31.58
C VAL A 113 -22.65 -7.08 -32.02
N LEU A 114 -23.02 -6.19 -31.08
CA LEU A 114 -23.97 -5.12 -31.31
C LEU A 114 -23.30 -3.76 -31.12
N MET A 115 -23.43 -2.90 -32.13
CA MET A 115 -22.70 -1.64 -32.17
C MET A 115 -23.65 -0.54 -32.68
N SER A 116 -24.06 0.35 -31.79
CA SER A 116 -24.95 1.43 -32.18
C SER A 116 -24.96 2.47 -31.06
N HIS A 117 -25.79 3.50 -31.24
CA HIS A 117 -26.21 4.31 -30.11
C HIS A 117 -27.03 3.48 -29.14
N GLY A 118 -26.94 3.83 -27.87
CA GLY A 118 -27.60 3.06 -26.83
C GLY A 118 -28.31 3.97 -25.84
N THR A 119 -29.32 3.39 -25.19
CA THR A 119 -29.99 3.91 -24.01
C THR A 119 -29.61 3.04 -22.81
N LEU A 120 -30.18 3.38 -21.66
CA LEU A 120 -29.87 2.62 -20.46
C LEU A 120 -30.18 1.13 -20.62
N HIS A 121 -31.33 0.79 -21.19
CA HIS A 121 -31.77 -0.61 -21.26
C HIS A 121 -31.89 -1.13 -22.68
N GLY A 122 -31.47 -0.37 -23.69
CA GLY A 122 -31.62 -0.89 -25.02
C GLY A 122 -30.58 -0.34 -25.97
N ILE A 123 -30.64 -0.85 -27.19
CA ILE A 123 -29.79 -0.42 -28.29
C ILE A 123 -30.67 0.20 -29.37
N CYS A 124 -30.21 1.33 -29.92
CA CYS A 124 -31.00 2.17 -30.82
C CYS A 124 -30.95 1.68 -32.26
N GLY A 125 -32.11 1.72 -32.94
CA GLY A 125 -32.17 1.56 -34.38
C GLY A 125 -31.99 2.87 -35.13
N THR A 126 -31.91 2.77 -36.46
CA THR A 126 -31.58 3.93 -37.27
C THR A 126 -32.58 5.07 -37.09
N MET A 127 -33.83 4.77 -36.76
CA MET A 127 -34.85 5.81 -36.72
C MET A 127 -35.06 6.36 -35.32
N HIS A 128 -34.22 5.99 -34.35
CA HIS A 128 -34.51 6.36 -32.97
C HIS A 128 -34.40 7.86 -32.75
N SER A 129 -35.32 8.38 -31.96
CA SER A 129 -35.23 9.70 -31.37
C SER A 129 -36.12 9.69 -30.14
N GLU A 130 -35.97 10.73 -29.31
CA GLU A 130 -36.86 10.80 -28.16
C GLU A 130 -38.31 11.08 -28.56
N LYS A 131 -38.55 11.73 -29.70
CA LYS A 131 -39.93 11.81 -30.18
C LYS A 131 -40.37 10.54 -30.92
N THR A 132 -39.43 9.84 -31.54
CA THR A 132 -39.71 8.65 -32.36
C THR A 132 -38.92 7.46 -31.86
N PRO A 133 -39.23 6.94 -30.67
CA PRO A 133 -38.38 5.88 -30.09
C PRO A 133 -38.30 4.65 -30.96
N ASP A 134 -37.07 4.16 -31.13
CA ASP A 134 -36.79 3.01 -31.98
C ASP A 134 -35.67 2.26 -31.27
N VAL A 135 -36.03 1.61 -30.18
CA VAL A 135 -35.07 0.96 -29.30
C VAL A 135 -35.40 -0.52 -29.21
N LEU A 136 -34.38 -1.35 -29.33
CA LEU A 136 -34.49 -2.77 -29.02
C LEU A 136 -33.97 -3.00 -27.59
N GLN A 137 -34.84 -3.51 -26.72
CA GLN A 137 -34.40 -3.83 -25.36
C GLN A 137 -33.41 -4.99 -25.39
N TYR A 138 -32.32 -4.84 -24.63
CA TYR A 138 -31.36 -5.93 -24.48
C TYR A 138 -32.03 -7.20 -24.01
N ASP A 139 -33.01 -7.05 -23.12
CA ASP A 139 -33.85 -8.13 -22.65
C ASP A 139 -34.35 -9.03 -23.78
N THR A 140 -34.71 -8.42 -24.91
CA THR A 140 -35.27 -9.17 -26.02
C THR A 140 -34.26 -10.12 -26.64
N ILE A 141 -32.97 -9.76 -26.63
CA ILE A 141 -31.92 -10.67 -27.10
C ILE A 141 -32.01 -12.01 -26.38
N TYR A 142 -32.15 -11.96 -25.06
CA TYR A 142 -32.18 -13.19 -24.28
C TYR A 142 -33.39 -14.07 -24.63
N GLN A 143 -34.55 -13.48 -24.96
CA GLN A 143 -35.67 -14.33 -25.33
C GLN A 143 -35.49 -14.97 -26.70
N ILE A 144 -34.83 -14.26 -27.64
CA ILE A 144 -34.66 -14.79 -28.99
C ILE A 144 -33.69 -15.97 -29.01
N PHE A 145 -32.69 -15.97 -28.13
CA PHE A 145 -31.61 -16.96 -28.18
C PHE A 145 -31.66 -17.96 -27.04
N ASN A 146 -32.72 -17.96 -26.24
CA ASN A 146 -32.68 -18.82 -25.06
C ASN A 146 -32.90 -20.28 -25.46
N ASN A 147 -32.99 -21.12 -24.45
CA ASN A 147 -33.13 -22.55 -24.69
C ASN A 147 -34.44 -22.87 -25.39
N CYS A 148 -35.51 -22.11 -25.12
CA CYS A 148 -36.79 -22.42 -25.77
C CYS A 148 -36.76 -22.06 -27.24
N HIS A 149 -36.25 -20.89 -27.60
CA HIS A 149 -36.43 -20.34 -28.93
C HIS A 149 -35.24 -20.57 -29.87
N CYS A 150 -34.10 -21.04 -29.36
CA CYS A 150 -32.94 -21.35 -30.20
C CYS A 150 -32.40 -22.73 -29.84
N PRO A 151 -33.06 -23.79 -30.32
CA PRO A 151 -32.59 -25.16 -29.99
C PRO A 151 -31.17 -25.43 -30.48
N GLY A 152 -30.75 -24.81 -31.58
CA GLY A 152 -29.44 -25.08 -32.14
C GLY A 152 -28.29 -24.70 -31.24
N LEU A 153 -28.52 -23.76 -30.31
CA LEU A 153 -27.48 -23.28 -29.39
C LEU A 153 -27.73 -23.68 -27.94
N ARG A 154 -28.56 -24.70 -27.70
CA ARG A 154 -28.74 -25.11 -26.32
C ARG A 154 -27.47 -25.63 -25.67
N ASP A 155 -27.28 -25.24 -24.41
CA ASP A 155 -26.13 -25.62 -23.59
C ASP A 155 -24.82 -25.21 -24.26
N LYS A 156 -24.87 -24.22 -25.16
CA LYS A 156 -23.68 -23.67 -25.78
C LYS A 156 -23.54 -22.19 -25.45
N PRO A 157 -22.31 -21.74 -25.21
CA PRO A 157 -22.11 -20.35 -24.80
C PRO A 157 -22.60 -19.38 -25.87
N LYS A 158 -23.39 -18.42 -25.45
CA LYS A 158 -23.88 -17.32 -26.30
C LYS A 158 -23.21 -16.06 -25.76
N VAL A 159 -22.18 -15.58 -26.47
CA VAL A 159 -21.35 -14.45 -26.02
C VAL A 159 -21.84 -13.18 -26.71
N ILE A 160 -22.29 -12.20 -25.93
CA ILE A 160 -22.78 -10.92 -26.45
C ILE A 160 -21.73 -9.84 -26.19
N ILE A 161 -21.28 -9.18 -27.25
CA ILE A 161 -20.39 -8.02 -27.15
C ILE A 161 -21.21 -6.78 -27.53
N VAL A 162 -21.23 -5.77 -26.66
CA VAL A 162 -22.01 -4.57 -26.92
C VAL A 162 -21.08 -3.34 -26.93
N GLN A 163 -21.03 -2.66 -28.06
CA GLN A 163 -20.30 -1.40 -28.21
C GLN A 163 -21.33 -0.28 -28.31
N ALA A 164 -21.52 0.45 -27.22
CA ALA A 164 -22.55 1.49 -27.18
C ALA A 164 -22.38 2.32 -25.93
N ALA A 165 -22.88 3.56 -25.98
CA ALA A 165 -23.17 4.30 -24.77
C ALA A 165 -24.33 3.65 -24.02
N ARG A 166 -24.44 3.95 -22.73
CA ARG A 166 -25.42 3.31 -21.85
C ARG A 166 -26.25 4.34 -21.11
N GLY A 167 -26.74 5.34 -21.84
CA GLY A 167 -27.58 6.39 -21.30
C GLY A 167 -27.02 7.71 -21.74
N GLY A 168 -25.95 7.61 -22.53
CA GLY A 168 -25.28 8.77 -23.07
C GLY A 168 -25.62 9.01 -24.53
N ASN A 169 -26.82 9.52 -24.76
CA ASN A 169 -27.32 9.80 -26.09
C ASN A 169 -27.90 11.21 -26.07
N SER A 170 -27.01 12.18 -25.86
CA SER A 170 -27.36 13.60 -25.91
C SER A 170 -26.81 14.26 -27.17
N SER A 201 -42.11 -19.68 -17.08
CA SER A 201 -41.18 -19.58 -18.18
C SER A 201 -40.05 -20.61 -18.01
N HIS A 202 -39.28 -20.86 -19.06
CA HIS A 202 -38.20 -21.84 -19.02
C HIS A 202 -36.83 -21.15 -19.02
N VAL A 203 -35.80 -21.99 -18.94
CA VAL A 203 -34.48 -21.61 -18.44
C VAL A 203 -33.71 -20.71 -19.40
N GLU A 204 -33.01 -19.75 -18.81
CA GLU A 204 -32.04 -18.90 -19.49
C GLU A 204 -30.69 -19.32 -18.89
N LYS A 205 -29.74 -19.70 -19.74
CA LYS A 205 -28.45 -20.14 -19.23
C LYS A 205 -27.45 -20.18 -20.38
N ASP A 206 -26.17 -20.21 -20.02
CA ASP A 206 -25.07 -20.19 -20.99
C ASP A 206 -24.96 -18.86 -21.74
N PHE A 207 -25.34 -17.74 -21.10
CA PHE A 207 -25.11 -16.39 -21.63
C PHE A 207 -23.97 -15.68 -20.91
N ILE A 208 -23.31 -14.81 -21.65
CA ILE A 208 -22.45 -13.79 -21.06
C ILE A 208 -22.50 -12.57 -21.95
N ALA A 209 -22.53 -11.39 -21.33
CA ALA A 209 -22.57 -10.12 -22.03
C ALA A 209 -21.38 -9.30 -21.58
N PHE A 210 -20.69 -8.70 -22.55
CA PHE A 210 -19.54 -7.84 -22.27
C PHE A 210 -19.85 -6.49 -22.90
N TYR A 211 -20.20 -5.53 -22.05
CA TYR A 211 -20.48 -4.18 -22.50
C TYR A 211 -19.21 -3.35 -22.48
N SER A 212 -19.13 -2.41 -23.44
CA SER A 212 -17.96 -1.54 -23.59
C SER A 212 -17.79 -0.59 -22.43
N THR A 213 -18.85 -0.27 -21.69
CA THR A 213 -18.74 0.63 -20.54
C THR A 213 -19.81 0.25 -19.52
N THR A 214 -19.91 1.05 -18.42
CA THR A 214 -20.86 0.86 -17.32
C THR A 214 -22.15 1.63 -17.57
N PRO A 215 -23.23 1.26 -16.88
CA PRO A 215 -24.48 2.01 -17.03
C PRO A 215 -24.28 3.51 -16.79
N HIS A 216 -25.03 4.31 -17.54
CA HIS A 216 -25.03 5.78 -17.51
C HIS A 216 -23.78 6.42 -18.07
N HIS A 217 -22.85 5.65 -18.63
CA HIS A 217 -21.60 6.17 -19.12
C HIS A 217 -21.50 6.04 -20.63
N LEU A 218 -20.44 6.61 -21.15
CA LEU A 218 -20.13 6.60 -22.57
C LEU A 218 -18.93 5.71 -22.83
N SER A 219 -18.72 5.42 -24.11
CA SER A 219 -17.57 4.69 -24.64
C SER A 219 -16.78 5.64 -25.53
N TYR A 220 -15.47 5.45 -25.61
CA TYR A 220 -14.64 6.48 -26.27
C TYR A 220 -13.85 5.85 -27.41
N ARG A 221 -13.45 6.70 -28.35
CA ARG A 221 -12.77 6.28 -29.55
C ARG A 221 -11.45 7.03 -29.62
N ASP A 222 -10.43 6.40 -30.25
CA ASP A 222 -9.12 6.99 -30.42
C ASP A 222 -9.14 8.02 -31.56
N LYS A 223 -8.00 8.66 -31.86
CA LYS A 223 -8.08 9.74 -32.83
C LYS A 223 -8.35 9.23 -34.24
N THR A 224 -8.05 7.99 -34.53
CA THR A 224 -8.43 7.45 -35.83
C THR A 224 -9.91 7.10 -35.90
N GLY A 225 -10.58 6.94 -34.75
CA GLY A 225 -12.00 6.63 -34.75
C GLY A 225 -12.33 5.24 -34.27
N GLY A 226 -11.34 4.38 -34.07
CA GLY A 226 -11.60 3.03 -33.59
C GLY A 226 -11.94 3.03 -32.11
N SER A 227 -12.90 2.20 -31.75
CA SER A 227 -13.29 2.07 -30.35
C SER A 227 -12.17 1.44 -29.51
N TYR A 228 -11.81 2.10 -28.40
CA TYR A 228 -10.83 1.55 -27.47
C TYR A 228 -11.25 0.17 -26.96
N PHE A 229 -12.53 -0.01 -26.65
CA PHE A 229 -12.99 -1.30 -26.17
C PHE A 229 -12.71 -2.37 -27.21
N ILE A 230 -13.14 -2.13 -28.46
CA ILE A 230 -12.93 -3.13 -29.51
C ILE A 230 -11.44 -3.36 -29.76
N THR A 231 -10.66 -2.28 -29.80
CA THR A 231 -9.23 -2.42 -30.11
C THR A 231 -8.53 -3.29 -29.08
N ARG A 232 -8.80 -3.03 -27.81
CA ARG A 232 -8.15 -3.78 -26.75
C ARG A 232 -8.72 -5.19 -26.61
N LEU A 233 -10.02 -5.36 -26.84
CA LEU A 233 -10.59 -6.70 -26.86
C LEU A 233 -9.92 -7.57 -27.92
N ILE A 234 -9.75 -7.03 -29.12
CA ILE A 234 -9.13 -7.81 -30.20
C ILE A 234 -7.73 -8.23 -29.83
N SER A 235 -6.89 -7.27 -29.42
CA SER A 235 -5.50 -7.60 -29.12
C SER A 235 -5.40 -8.55 -27.93
N CYS A 236 -6.32 -8.42 -26.97
CA CYS A 236 -6.31 -9.31 -25.82
C CYS A 236 -6.68 -10.75 -26.22
N PHE A 237 -7.68 -10.92 -27.09
CA PHE A 237 -7.96 -12.22 -27.69
C PHE A 237 -6.77 -12.75 -28.47
N ARG A 238 -6.13 -11.89 -29.28
CA ARG A 238 -5.07 -12.41 -30.12
C ARG A 238 -3.88 -12.90 -29.29
N LYS A 239 -3.68 -12.37 -28.09
CA LYS A 239 -2.55 -12.83 -27.28
C LYS A 239 -2.88 -14.05 -26.43
N HIS A 240 -4.11 -14.15 -25.93
CA HIS A 240 -4.44 -15.06 -24.85
C HIS A 240 -5.51 -16.11 -25.14
N ALA A 241 -6.19 -16.05 -26.29
CA ALA A 241 -7.18 -17.08 -26.60
C ALA A 241 -6.56 -18.45 -26.66
N CYS A 242 -5.26 -18.50 -27.02
CA CYS A 242 -4.56 -19.78 -27.13
C CYS A 242 -4.44 -20.48 -25.78
N SER A 243 -4.49 -19.72 -24.67
CA SER A 243 -4.21 -20.30 -23.36
C SER A 243 -5.18 -19.86 -22.27
N CYS A 244 -6.16 -18.99 -22.56
CA CYS A 244 -7.05 -18.47 -21.54
C CYS A 244 -8.51 -18.70 -21.93
N HIS A 245 -9.36 -18.99 -20.96
CA HIS A 245 -10.77 -19.09 -21.25
C HIS A 245 -11.42 -17.69 -21.26
N LEU A 246 -12.62 -17.64 -21.83
CA LEU A 246 -13.28 -16.38 -22.20
C LEU A 246 -13.32 -15.40 -21.03
N PHE A 247 -13.70 -15.88 -19.85
CA PHE A 247 -13.85 -14.96 -18.74
C PHE A 247 -12.51 -14.35 -18.36
N ASP A 248 -11.44 -15.14 -18.40
CA ASP A 248 -10.11 -14.61 -18.15
C ASP A 248 -9.72 -13.54 -19.18
N ILE A 249 -10.09 -13.72 -20.44
CA ILE A 249 -9.80 -12.72 -21.46
C ILE A 249 -10.56 -11.42 -21.16
N PHE A 250 -11.87 -11.54 -20.89
CA PHE A 250 -12.67 -10.36 -20.54
C PHE A 250 -12.02 -9.59 -19.39
N LEU A 251 -11.54 -10.32 -18.38
CA LEU A 251 -10.96 -9.68 -17.22
C LEU A 251 -9.70 -8.93 -17.58
N LYS A 252 -8.91 -9.46 -18.52
CA LYS A 252 -7.70 -8.74 -18.91
C LYS A 252 -8.05 -7.47 -19.66
N VAL A 253 -9.12 -7.50 -20.45
CA VAL A 253 -9.62 -6.26 -21.04
C VAL A 253 -10.00 -5.26 -19.95
N GLN A 254 -10.70 -5.72 -18.91
CA GLN A 254 -11.05 -4.78 -17.85
C GLN A 254 -9.83 -4.31 -17.07
N GLN A 255 -8.79 -5.14 -16.97
CA GLN A 255 -7.61 -4.68 -16.24
C GLN A 255 -6.90 -3.57 -17.00
N SER A 256 -6.96 -3.63 -18.33
CA SER A 256 -6.32 -2.61 -19.15
C SER A 256 -6.99 -1.26 -18.98
N PHE A 257 -8.29 -1.23 -18.68
CA PHE A 257 -8.97 0.03 -18.43
C PHE A 257 -8.74 0.53 -17.01
N GLU A 258 -8.14 -0.28 -16.16
CA GLU A 258 -7.66 0.20 -14.88
C GLU A 258 -6.23 0.71 -14.99
N LYS A 259 -5.38 -0.02 -15.70
CA LYS A 259 -3.98 0.31 -15.90
C LYS A 259 -3.78 1.49 -16.86
N ALA A 260 -4.62 1.64 -17.88
CA ALA A 260 -4.56 2.74 -18.86
C ALA A 260 -5.95 3.36 -18.97
N SER A 261 -6.27 4.24 -18.03
CA SER A 261 -7.60 4.84 -17.92
C SER A 261 -8.03 5.50 -19.23
N ILE A 262 -9.34 5.45 -19.50
CA ILE A 262 -9.95 6.15 -20.62
C ILE A 262 -11.20 6.87 -20.09
N HIS A 263 -11.03 8.05 -19.51
CA HIS A 263 -12.11 8.78 -18.85
C HIS A 263 -12.72 7.87 -17.78
N SER A 264 -14.03 7.69 -17.73
CA SER A 264 -14.65 6.78 -16.76
C SER A 264 -15.08 5.47 -17.39
N GLN A 265 -14.50 5.09 -18.53
CA GLN A 265 -15.01 3.94 -19.27
C GLN A 265 -14.54 2.64 -18.64
N MET A 266 -15.49 1.74 -18.34
CA MET A 266 -15.07 0.48 -17.76
C MET A 266 -15.93 -0.63 -18.32
N PRO A 267 -15.37 -1.52 -19.14
CA PRO A 267 -16.17 -2.62 -19.68
C PRO A 267 -16.77 -3.44 -18.55
N THR A 268 -17.96 -3.97 -18.83
CA THR A 268 -18.80 -4.56 -17.81
C THR A 268 -19.28 -5.92 -18.28
N ILE A 269 -19.17 -6.89 -17.41
CA ILE A 269 -19.71 -8.22 -17.63
C ILE A 269 -21.09 -8.27 -17.00
N ASP A 270 -22.09 -8.65 -17.78
CA ASP A 270 -23.46 -8.53 -17.35
C ASP A 270 -24.23 -9.82 -17.60
N ARG A 271 -25.19 -10.09 -16.72
CA ARG A 271 -26.18 -11.12 -16.92
C ARG A 271 -25.53 -12.44 -17.38
N ALA A 272 -24.54 -12.87 -16.61
CA ALA A 272 -23.70 -13.98 -17.00
C ALA A 272 -24.26 -15.26 -16.38
N THR A 273 -24.52 -16.25 -17.22
CA THR A 273 -25.06 -17.52 -16.74
C THR A 273 -24.31 -18.70 -17.36
N LEU A 274 -23.02 -18.52 -17.65
CA LEU A 274 -22.19 -19.64 -18.09
C LEU A 274 -22.01 -20.61 -16.93
N THR A 275 -22.01 -21.91 -17.25
CA THR A 275 -21.87 -22.92 -16.23
C THR A 275 -20.54 -23.63 -16.30
N ARG A 276 -19.71 -23.31 -17.29
CA ARG A 276 -18.40 -23.92 -17.43
C ARG A 276 -17.44 -22.89 -18.01
N TYR A 277 -16.16 -23.24 -18.04
CA TYR A 277 -15.19 -22.39 -18.72
C TYR A 277 -15.35 -22.52 -20.23
N PHE A 278 -15.22 -21.39 -20.93
CA PHE A 278 -15.31 -21.36 -22.39
C PHE A 278 -13.92 -21.09 -22.96
N TYR A 279 -13.22 -22.16 -23.34
CA TYR A 279 -11.97 -22.07 -24.07
C TYR A 279 -12.22 -22.07 -25.58
N LEU A 280 -11.44 -21.30 -26.32
CA LEU A 280 -11.66 -21.27 -27.76
C LEU A 280 -10.76 -22.22 -28.54
N PHE A 281 -9.64 -22.66 -27.94
CA PHE A 281 -8.64 -23.51 -28.57
C PHE A 281 -8.40 -23.08 -30.02
N PRO A 282 -7.95 -21.85 -30.27
CA PRO A 282 -7.76 -21.40 -31.65
C PRO A 282 -6.85 -22.34 -32.44
N GLY A 283 -7.20 -22.57 -33.71
CA GLY A 283 -6.50 -23.50 -34.57
C GLY A 283 -6.96 -24.95 -34.47
N ASN A 284 -7.98 -25.26 -33.66
CA ASN A 284 -8.44 -26.64 -33.52
C ASN A 284 -9.91 -26.68 -33.90
N ASN B 11 -21.57 -28.43 8.20
CA ASN B 11 -20.27 -28.01 7.68
C ASN B 11 -19.49 -26.93 8.42
N THR B 12 -18.20 -26.87 8.12
CA THR B 12 -17.32 -25.82 8.63
C THR B 12 -16.57 -25.18 7.48
N LEU B 13 -16.17 -23.94 7.65
CA LEU B 13 -15.36 -23.26 6.64
C LEU B 13 -13.95 -23.80 6.68
N LYS B 14 -13.46 -24.27 5.54
CA LYS B 14 -12.12 -24.84 5.48
C LYS B 14 -11.13 -23.71 5.18
N LEU B 15 -9.96 -23.76 5.82
CA LEU B 15 -9.03 -22.64 5.85
C LEU B 15 -7.86 -22.81 4.89
N CYS B 16 -7.42 -21.68 4.32
CA CYS B 16 -6.17 -21.54 3.58
C CYS B 16 -4.98 -21.43 4.54
N SER B 17 -4.02 -22.33 4.43
CA SER B 17 -2.80 -22.27 5.23
C SER B 17 -2.04 -20.97 4.97
N PRO B 18 -1.41 -20.39 5.99
CA PRO B 18 -0.54 -19.22 5.75
C PRO B 18 0.47 -19.42 4.62
N GLU B 19 1.07 -20.62 4.52
CA GLU B 19 1.92 -20.94 3.37
C GLU B 19 1.24 -20.65 2.05
N GLU B 20 0.04 -21.22 1.83
CA GLU B 20 -0.65 -21.01 0.55
C GLU B 20 -1.04 -19.56 0.36
N PHE B 21 -1.38 -18.85 1.44
CA PHE B 21 -1.62 -17.42 1.36
C PHE B 21 -0.42 -16.70 0.76
N THR B 22 0.73 -16.75 1.43
CA THR B 22 1.90 -16.04 0.93
C THR B 22 2.35 -16.60 -0.41
N ARG B 23 2.27 -17.92 -0.60
CA ARG B 23 2.71 -18.49 -1.88
C ARG B 23 1.91 -17.91 -3.04
N LEU B 24 0.57 -17.95 -2.94
CA LEU B 24 -0.24 -17.39 -4.01
C LEU B 24 -0.10 -15.87 -4.11
N CYS B 25 0.09 -15.19 -2.98
CA CYS B 25 0.27 -13.74 -3.04
C CYS B 25 1.60 -13.34 -3.64
N ARG B 26 2.55 -14.27 -3.76
CA ARG B 26 3.83 -13.98 -4.36
C ARG B 26 3.89 -14.46 -5.81
N GLU B 27 3.22 -15.56 -6.11
CA GLU B 27 3.17 -16.09 -7.47
C GLU B 27 2.31 -15.21 -8.35
N LYS B 28 1.19 -14.73 -7.79
CA LYS B 28 0.21 -14.00 -8.59
C LYS B 28 -0.06 -12.61 -8.05
N THR B 29 1.00 -11.82 -7.86
CA THR B 29 0.80 -10.62 -7.05
C THR B 29 -0.02 -9.56 -7.76
N GLN B 30 0.01 -9.48 -9.08
CA GLN B 30 -0.66 -8.34 -9.70
C GLN B 30 -2.04 -8.62 -10.30
N GLU B 31 -2.55 -9.87 -10.36
CA GLU B 31 -3.97 -9.96 -10.66
C GLU B 31 -4.81 -10.38 -9.48
N ILE B 32 -4.34 -10.14 -8.26
CA ILE B 32 -5.11 -10.48 -7.08
C ILE B 32 -5.38 -9.17 -6.36
N TYR B 33 -6.57 -9.04 -5.83
CA TYR B 33 -6.88 -7.92 -4.96
C TYR B 33 -6.04 -8.03 -3.69
N PRO B 34 -5.37 -6.96 -3.28
CA PRO B 34 -4.54 -7.07 -2.08
C PRO B 34 -5.41 -7.28 -0.87
N ILE B 35 -4.87 -8.03 0.08
CA ILE B 35 -5.56 -8.43 1.29
C ILE B 35 -4.87 -7.75 2.46
N LYS B 36 -5.64 -7.37 3.45
CA LYS B 36 -5.08 -6.89 4.69
C LYS B 36 -5.04 -8.05 5.65
N GLU B 37 -3.95 -8.19 6.38
CA GLU B 37 -3.87 -9.27 7.34
C GLU B 37 -4.66 -8.86 8.58
N ALA B 38 -5.18 -9.86 9.29
CA ALA B 38 -6.30 -9.68 10.20
C ALA B 38 -5.98 -8.83 11.42
N ASN B 39 -4.71 -8.55 11.69
CA ASN B 39 -4.30 -7.89 12.93
C ASN B 39 -5.05 -6.57 13.17
N GLY B 40 -4.93 -5.62 12.26
CA GLY B 40 -5.68 -4.39 12.41
C GLY B 40 -6.81 -4.21 11.41
N ARG B 41 -7.35 -5.32 10.92
CA ARG B 41 -8.31 -5.31 9.83
C ARG B 41 -9.71 -5.15 10.41
N THR B 42 -10.56 -4.35 9.75
CA THR B 42 -11.93 -4.12 10.22
C THR B 42 -12.92 -4.32 9.07
N ARG B 43 -12.92 -5.52 8.47
CA ARG B 43 -13.88 -5.83 7.41
C ARG B 43 -15.31 -5.67 7.91
N LYS B 44 -16.17 -5.09 7.08
CA LYS B 44 -17.58 -4.97 7.43
C LYS B 44 -18.48 -5.48 6.31
N ALA B 45 -19.63 -6.01 6.69
CA ALA B 45 -20.61 -6.57 5.77
C ALA B 45 -22.01 -6.18 6.21
N LEU B 46 -22.92 -6.02 5.26
CA LEU B 46 -24.27 -5.57 5.55
C LEU B 46 -25.28 -6.57 5.03
N ILE B 47 -26.22 -6.95 5.90
CA ILE B 47 -27.37 -7.75 5.51
C ILE B 47 -28.62 -6.92 5.73
N ILE B 48 -29.41 -6.75 4.66
CA ILE B 48 -30.72 -6.11 4.72
C ILE B 48 -31.73 -7.17 4.35
N CYS B 49 -32.67 -7.44 5.25
CA CYS B 49 -33.68 -8.48 5.04
C CYS B 49 -35.05 -7.97 5.43
N ASN B 50 -36.02 -8.17 4.54
CA ASN B 50 -37.42 -7.91 4.81
C ASN B 50 -38.20 -9.23 4.77
N THR B 51 -38.91 -9.53 5.86
CA THR B 51 -39.74 -10.74 6.00
C THR B 51 -41.23 -10.46 6.00
N GLU B 52 -41.69 -9.50 6.79
CA GLU B 52 -43.10 -9.15 6.84
C GLU B 52 -43.37 -7.87 6.05
N PHE B 53 -44.54 -7.82 5.44
CA PHE B 53 -44.88 -6.74 4.53
C PHE B 53 -46.31 -6.35 4.82
N LYS B 54 -46.61 -5.08 4.58
CA LYS B 54 -47.95 -4.59 4.81
C LYS B 54 -48.92 -5.15 3.76
N HIS B 55 -48.44 -5.42 2.55
CA HIS B 55 -49.29 -5.87 1.46
C HIS B 55 -48.83 -7.11 0.75
N LEU B 56 -47.63 -7.62 1.02
CA LEU B 56 -47.13 -8.74 0.24
C LEU B 56 -46.94 -9.97 1.11
N SER B 57 -46.86 -11.11 0.45
CA SER B 57 -46.75 -12.39 1.13
C SER B 57 -45.57 -12.41 2.08
N LEU B 58 -45.74 -13.12 3.19
CA LEU B 58 -44.66 -13.33 4.14
C LEU B 58 -43.56 -14.18 3.54
N ARG B 59 -42.30 -13.78 3.81
CA ARG B 59 -41.15 -14.51 3.25
C ARG B 59 -40.65 -15.50 4.29
N TYR B 60 -41.41 -16.57 4.47
CA TYR B 60 -41.05 -17.59 5.47
C TYR B 60 -39.69 -18.19 5.16
N GLY B 61 -38.90 -18.45 6.19
CA GLY B 61 -37.57 -19.00 6.02
C GLY B 61 -36.45 -17.99 5.84
N ALA B 62 -36.77 -16.69 5.70
CA ALA B 62 -35.72 -15.67 5.53
C ALA B 62 -34.73 -15.66 6.68
N ASN B 63 -35.20 -15.96 7.89
CA ASN B 63 -34.34 -15.98 9.07
C ASN B 63 -33.24 -17.02 8.92
N PHE B 64 -33.58 -18.18 8.34
CA PHE B 64 -32.56 -19.18 8.03
C PHE B 64 -31.49 -18.58 7.13
N ASP B 65 -31.90 -17.76 6.15
CA ASP B 65 -30.94 -17.16 5.23
C ASP B 65 -30.07 -16.12 5.93
N ILE B 66 -30.67 -15.31 6.83
CA ILE B 66 -29.88 -14.37 7.62
C ILE B 66 -28.83 -15.10 8.45
N ILE B 67 -29.26 -16.12 9.19
CA ILE B 67 -28.37 -16.82 10.10
C ILE B 67 -27.22 -17.49 9.34
N GLY B 68 -27.54 -18.12 8.20
CA GLY B 68 -26.49 -18.73 7.41
C GLY B 68 -25.52 -17.72 6.83
N MET B 69 -26.03 -16.59 6.33
CA MET B 69 -25.11 -15.66 5.68
C MET B 69 -24.30 -14.87 6.69
N LYS B 70 -24.88 -14.58 7.87
CA LYS B 70 -24.12 -13.91 8.92
C LYS B 70 -22.97 -14.79 9.44
N GLY B 71 -23.24 -16.07 9.66
CA GLY B 71 -22.18 -16.96 10.12
C GLY B 71 -21.11 -17.13 9.07
N LEU B 72 -21.52 -17.21 7.80
CA LEU B 72 -20.57 -17.31 6.70
C LEU B 72 -19.67 -16.08 6.65
N LEU B 73 -20.27 -14.90 6.63
CA LEU B 73 -19.49 -13.68 6.50
C LEU B 73 -18.56 -13.51 7.69
N GLU B 74 -19.02 -13.85 8.89
CA GLU B 74 -18.15 -13.83 10.07
C GLU B 74 -16.99 -14.81 9.93
N ASP B 75 -17.24 -15.99 9.35
CA ASP B 75 -16.16 -16.95 9.13
C ASP B 75 -15.19 -16.47 8.09
N LEU B 76 -15.57 -15.52 7.25
CA LEU B 76 -14.63 -14.96 6.31
C LEU B 76 -14.00 -13.67 6.82
N GLY B 77 -14.21 -13.34 8.10
CA GLY B 77 -13.61 -12.19 8.75
C GLY B 77 -14.40 -10.89 8.70
N TYR B 78 -15.66 -10.91 8.30
CA TYR B 78 -16.47 -9.69 8.30
C TYR B 78 -17.28 -9.58 9.58
N ASP B 79 -17.28 -8.38 10.16
CA ASP B 79 -18.23 -8.04 11.19
C ASP B 79 -19.50 -7.57 10.50
N VAL B 80 -20.63 -8.17 10.86
CA VAL B 80 -21.83 -8.16 10.03
C VAL B 80 -22.87 -7.25 10.67
N VAL B 81 -23.28 -6.23 9.93
CA VAL B 81 -24.40 -5.37 10.32
C VAL B 81 -25.66 -5.95 9.70
N VAL B 82 -26.70 -6.12 10.52
CA VAL B 82 -27.96 -6.71 10.07
C VAL B 82 -29.07 -5.70 10.28
N LYS B 83 -29.76 -5.33 9.21
CA LYS B 83 -30.84 -4.37 9.36
C LYS B 83 -32.09 -4.94 8.70
N GLU B 84 -33.21 -4.93 9.42
CA GLU B 84 -34.38 -5.64 8.96
C GLU B 84 -35.63 -4.78 8.98
N GLU B 85 -36.59 -5.20 8.16
CA GLU B 85 -37.90 -4.56 8.00
C GLU B 85 -37.73 -3.07 7.74
N LEU B 86 -37.24 -2.76 6.55
CA LEU B 86 -37.00 -1.39 6.13
C LEU B 86 -37.84 -1.05 4.91
N THR B 87 -38.28 0.20 4.85
CA THR B 87 -38.79 0.75 3.59
C THR B 87 -37.63 1.02 2.64
N ALA B 88 -37.96 1.33 1.39
CA ALA B 88 -36.93 1.68 0.42
C ALA B 88 -36.09 2.85 0.91
N GLU B 89 -36.75 3.86 1.44
CA GLU B 89 -36.05 5.01 2.01
C GLU B 89 -35.13 4.58 3.15
N GLY B 90 -35.60 3.66 4.00
CA GLY B 90 -34.77 3.16 5.08
C GLY B 90 -33.59 2.35 4.59
N MET B 91 -33.79 1.58 3.51
CA MET B 91 -32.69 0.84 2.93
C MET B 91 -31.64 1.78 2.38
N GLU B 92 -32.06 2.82 1.66
CA GLU B 92 -31.10 3.82 1.18
C GLU B 92 -30.34 4.45 2.33
N SER B 93 -31.05 4.78 3.42
CA SER B 93 -30.41 5.42 4.56
C SER B 93 -29.41 4.49 5.26
N GLU B 94 -29.77 3.22 5.42
CA GLU B 94 -28.86 2.29 6.09
C GLU B 94 -27.62 2.02 5.22
N MET B 95 -27.81 1.93 3.90
CA MET B 95 -26.67 1.74 3.00
C MET B 95 -25.73 2.94 3.03
N LYS B 96 -26.29 4.16 3.13
CA LYS B 96 -25.43 5.33 3.21
C LYS B 96 -24.67 5.36 4.54
N ASP B 97 -25.35 5.08 5.65
CA ASP B 97 -24.63 5.00 6.93
C ASP B 97 -23.53 3.97 6.84
N PHE B 98 -23.82 2.81 6.24
CA PHE B 98 -22.83 1.74 6.14
C PHE B 98 -21.69 2.12 5.20
N ALA B 99 -21.98 2.81 4.10
CA ALA B 99 -20.92 3.22 3.18
C ALA B 99 -19.94 4.18 3.84
N ALA B 100 -20.41 5.04 4.76
CA ALA B 100 -19.60 6.08 5.39
C ALA B 100 -18.76 5.59 6.57
N LEU B 101 -18.81 4.29 6.91
CA LEU B 101 -18.16 3.77 8.12
C LEU B 101 -16.65 3.97 8.08
N SER B 102 -16.09 4.55 9.14
CA SER B 102 -14.63 4.61 9.30
C SER B 102 -13.97 3.31 8.91
N GLU B 103 -14.49 2.18 9.42
CA GLU B 103 -13.76 0.92 9.35
C GLU B 103 -13.52 0.45 7.92
N HIS B 104 -14.19 1.02 6.91
CA HIS B 104 -13.87 0.60 5.54
C HIS B 104 -12.44 0.98 5.17
N GLN B 105 -11.91 2.06 5.74
CA GLN B 105 -10.53 2.47 5.48
C GLN B 105 -9.52 1.41 5.87
N THR B 106 -9.79 0.67 6.95
CA THR B 106 -8.90 -0.39 7.42
C THR B 106 -9.41 -1.76 6.99
N SER B 107 -10.22 -1.80 5.96
CA SER B 107 -10.76 -3.01 5.39
C SER B 107 -10.24 -3.15 3.96
N ASP B 108 -10.46 -4.34 3.37
CA ASP B 108 -10.04 -4.61 2.00
C ASP B 108 -11.21 -4.95 1.08
N SER B 109 -12.45 -4.91 1.57
CA SER B 109 -13.61 -5.33 0.78
C SER B 109 -14.93 -5.20 1.55
N THR B 110 -16.03 -5.49 0.87
CA THR B 110 -17.28 -5.55 1.61
C THR B 110 -18.22 -6.49 0.89
N PHE B 111 -19.24 -6.91 1.63
CA PHE B 111 -20.35 -7.70 1.13
C PHE B 111 -21.64 -6.98 1.48
N LEU B 112 -22.53 -6.86 0.51
CA LEU B 112 -23.87 -6.29 0.68
C LEU B 112 -24.85 -7.40 0.31
N VAL B 113 -25.62 -7.89 1.29
CA VAL B 113 -26.57 -8.97 1.12
C VAL B 113 -27.99 -8.41 1.24
N LEU B 114 -28.77 -8.49 0.16
CA LEU B 114 -30.13 -7.93 0.12
C LEU B 114 -31.14 -9.04 -0.10
N MET B 115 -32.18 -9.06 0.75
CA MET B 115 -33.14 -10.14 0.76
C MET B 115 -34.55 -9.57 0.94
N SER B 116 -35.37 -9.64 -0.10
CA SER B 116 -36.73 -9.16 0.02
C SER B 116 -37.52 -9.68 -1.18
N HIS B 117 -38.78 -9.26 -1.28
CA HIS B 117 -39.48 -9.29 -2.56
C HIS B 117 -38.79 -8.34 -3.54
N GLY B 118 -38.86 -8.67 -4.82
CA GLY B 118 -38.15 -7.90 -5.83
C GLY B 118 -39.02 -7.60 -7.04
N THR B 119 -38.66 -6.50 -7.71
CA THR B 119 -39.17 -6.20 -9.03
C THR B 119 -38.06 -6.43 -10.05
N LEU B 120 -38.38 -6.14 -11.31
CA LEU B 120 -37.40 -6.33 -12.37
C LEU B 120 -36.13 -5.52 -12.10
N HIS B 121 -36.29 -4.27 -11.66
CA HIS B 121 -35.14 -3.39 -11.52
C HIS B 121 -34.90 -2.91 -10.09
N GLY B 122 -35.63 -3.45 -9.11
CA GLY B 122 -35.46 -2.97 -7.75
C GLY B 122 -35.77 -4.04 -6.72
N ILE B 123 -35.53 -3.68 -5.47
CA ILE B 123 -35.79 -4.50 -4.30
C ILE B 123 -36.88 -3.82 -3.46
N CYS B 124 -37.85 -4.60 -2.99
CA CYS B 124 -39.03 -4.02 -2.37
C CYS B 124 -38.82 -3.70 -0.89
N GLY B 125 -39.41 -2.57 -0.45
CA GLY B 125 -39.52 -2.27 0.95
C GLY B 125 -40.80 -2.83 1.58
N THR B 126 -40.87 -2.71 2.90
CA THR B 126 -41.98 -3.32 3.64
C THR B 126 -43.33 -2.76 3.20
N MET B 127 -43.37 -1.53 2.71
CA MET B 127 -44.65 -0.92 2.41
C MET B 127 -45.03 -1.08 0.96
N HIS B 128 -44.27 -1.84 0.19
CA HIS B 128 -44.50 -1.87 -1.24
C HIS B 128 -45.81 -2.56 -1.61
N SER B 129 -46.48 -1.98 -2.61
CA SER B 129 -47.55 -2.57 -3.40
C SER B 129 -47.52 -1.80 -4.72
N GLU B 130 -48.19 -2.32 -5.75
CA GLU B 130 -48.09 -1.62 -7.04
C GLU B 130 -48.84 -0.29 -7.04
N LYS B 131 -49.86 -0.13 -6.21
CA LYS B 131 -50.49 1.15 -6.05
C LYS B 131 -49.76 2.04 -5.05
N THR B 132 -48.99 1.44 -4.14
CA THR B 132 -48.20 2.16 -3.14
C THR B 132 -46.72 1.75 -3.25
N PRO B 133 -46.08 2.02 -4.40
CA PRO B 133 -44.72 1.50 -4.61
C PRO B 133 -43.71 2.01 -3.60
N ASP B 134 -42.84 1.08 -3.17
CA ASP B 134 -41.79 1.31 -2.18
C ASP B 134 -40.63 0.44 -2.63
N VAL B 135 -39.96 0.85 -3.70
CA VAL B 135 -38.91 0.06 -4.33
C VAL B 135 -37.61 0.82 -4.30
N LEU B 136 -36.53 0.13 -3.95
CA LEU B 136 -35.18 0.66 -4.08
C LEU B 136 -34.55 0.10 -5.36
N GLN B 137 -34.18 0.99 -6.28
CA GLN B 137 -33.53 0.57 -7.51
C GLN B 137 -32.14 0.03 -7.22
N TYR B 138 -31.81 -1.14 -7.78
CA TYR B 138 -30.45 -1.66 -7.64
C TYR B 138 -29.44 -0.62 -8.11
N ASP B 139 -29.78 0.07 -9.19
CA ASP B 139 -28.99 1.18 -9.70
C ASP B 139 -28.51 2.13 -8.59
N THR B 140 -29.36 2.37 -7.59
CA THR B 140 -29.02 3.30 -6.52
C THR B 140 -27.86 2.80 -5.67
N ILE B 141 -27.78 1.49 -5.45
CA ILE B 141 -26.68 0.91 -4.68
C ILE B 141 -25.36 1.39 -5.24
N TYR B 142 -25.23 1.36 -6.58
CA TYR B 142 -23.97 1.69 -7.21
C TYR B 142 -23.60 3.15 -6.97
N GLN B 143 -24.59 4.06 -6.89
CA GLN B 143 -24.27 5.45 -6.61
C GLN B 143 -23.77 5.62 -5.18
N ILE B 144 -24.34 4.88 -4.24
CA ILE B 144 -23.98 5.02 -2.84
C ILE B 144 -22.56 4.52 -2.60
N PHE B 145 -22.15 3.48 -3.33
CA PHE B 145 -20.90 2.79 -3.05
C PHE B 145 -19.82 3.03 -4.09
N ASN B 146 -20.03 3.91 -5.05
CA ASN B 146 -19.02 4.08 -6.09
C ASN B 146 -17.83 4.90 -5.56
N ASN B 147 -16.88 5.20 -6.45
CA ASN B 147 -15.65 5.86 -6.02
C ASN B 147 -15.92 7.26 -5.49
N CYS B 148 -16.94 7.93 -6.01
CA CYS B 148 -17.21 9.29 -5.55
C CYS B 148 -17.77 9.28 -4.14
N HIS B 149 -18.72 8.39 -3.88
CA HIS B 149 -19.53 8.48 -2.68
C HIS B 149 -19.10 7.55 -1.56
N CYS B 150 -18.20 6.61 -1.83
CA CYS B 150 -17.67 5.72 -0.79
C CYS B 150 -16.16 5.65 -0.91
N PRO B 151 -15.45 6.68 -0.44
CA PRO B 151 -13.97 6.66 -0.52
C PRO B 151 -13.31 5.51 0.23
N GLY B 152 -13.92 5.04 1.31
CA GLY B 152 -13.33 3.96 2.10
C GLY B 152 -13.23 2.64 1.36
N LEU B 153 -14.04 2.43 0.32
CA LEU B 153 -14.01 1.18 -0.43
C LEU B 153 -13.52 1.35 -1.86
N ARG B 154 -12.78 2.40 -2.15
CA ARG B 154 -12.22 2.58 -3.48
C ARG B 154 -11.14 1.55 -3.74
N ASP B 155 -11.13 1.02 -4.97
CA ASP B 155 -10.19 0.00 -5.43
C ASP B 155 -10.32 -1.30 -4.65
N LYS B 156 -11.43 -1.49 -3.94
CA LYS B 156 -11.71 -2.70 -3.19
C LYS B 156 -12.98 -3.38 -3.66
N PRO B 157 -12.98 -4.71 -3.71
CA PRO B 157 -14.14 -5.44 -4.23
C PRO B 157 -15.38 -5.18 -3.38
N LYS B 158 -16.46 -4.84 -4.06
CA LYS B 158 -17.76 -4.64 -3.44
C LYS B 158 -18.70 -5.71 -3.96
N VAL B 159 -18.99 -6.70 -3.12
CA VAL B 159 -19.75 -7.88 -3.51
C VAL B 159 -21.20 -7.71 -3.09
N ILE B 160 -22.10 -7.72 -4.07
CA ILE B 160 -23.52 -7.63 -3.82
C ILE B 160 -24.13 -9.01 -4.03
N ILE B 161 -24.77 -9.54 -2.98
CA ILE B 161 -25.56 -10.77 -3.05
C ILE B 161 -27.03 -10.38 -2.92
N VAL B 162 -27.85 -10.79 -3.88
CA VAL B 162 -29.27 -10.44 -3.92
C VAL B 162 -30.11 -11.71 -3.89
N GLN B 163 -30.95 -11.83 -2.88
CA GLN B 163 -31.91 -12.94 -2.76
C GLN B 163 -33.30 -12.33 -2.99
N ALA B 164 -33.84 -12.52 -4.19
CA ALA B 164 -35.12 -11.91 -4.52
C ALA B 164 -35.66 -12.54 -5.80
N ALA B 165 -36.98 -12.52 -5.93
CA ALA B 165 -37.57 -12.69 -7.25
C ALA B 165 -37.21 -11.48 -8.08
N ARG B 166 -37.32 -11.63 -9.40
CA ARG B 166 -36.87 -10.61 -10.34
C ARG B 166 -38.00 -10.27 -11.30
N GLY B 167 -39.20 -10.06 -10.75
CA GLY B 167 -40.41 -9.71 -11.47
C GLY B 167 -41.66 -10.46 -11.07
N GLY B 168 -42.82 -9.94 -11.48
CA GLY B 168 -44.14 -10.54 -11.31
C GLY B 168 -44.64 -10.98 -9.94
N ASN B 169 -44.79 -10.08 -8.99
CA ASN B 169 -45.38 -10.43 -7.69
C ASN B 169 -46.68 -9.67 -7.45
N HIS B 202 -16.21 10.12 -11.69
CA HIS B 202 -17.45 9.44 -11.29
C HIS B 202 -17.44 7.97 -11.73
N VAL B 203 -16.30 7.32 -11.55
CA VAL B 203 -16.01 6.02 -12.11
C VAL B 203 -16.69 4.93 -11.28
N GLU B 204 -17.25 3.94 -11.95
CA GLU B 204 -17.79 2.75 -11.29
C GLU B 204 -16.91 1.58 -11.63
N LYS B 205 -16.41 0.88 -10.60
CA LYS B 205 -15.48 -0.21 -10.83
C LYS B 205 -15.34 -1.00 -9.53
N ASP B 206 -14.85 -2.23 -9.65
CA ASP B 206 -14.66 -3.15 -8.53
C ASP B 206 -15.99 -3.62 -7.92
N PHE B 207 -17.06 -3.69 -8.71
CA PHE B 207 -18.30 -4.30 -8.26
C PHE B 207 -18.46 -5.70 -8.85
N ILE B 208 -19.15 -6.55 -8.10
CA ILE B 208 -19.72 -7.77 -8.65
C ILE B 208 -21.03 -8.02 -7.93
N ALA B 209 -22.04 -8.47 -8.68
CA ALA B 209 -23.34 -8.78 -8.13
C ALA B 209 -23.71 -10.22 -8.51
N PHE B 210 -24.24 -10.95 -7.54
CA PHE B 210 -24.66 -12.33 -7.76
C PHE B 210 -26.12 -12.43 -7.34
N TYR B 211 -27.01 -12.54 -8.31
CA TYR B 211 -28.43 -12.66 -8.05
C TYR B 211 -28.83 -14.12 -7.95
N SER B 212 -29.86 -14.40 -7.13
CA SER B 212 -30.31 -15.76 -6.90
C SER B 212 -30.93 -16.40 -8.15
N THR B 213 -31.43 -15.59 -9.08
CA THR B 213 -32.06 -16.12 -10.27
C THR B 213 -31.87 -15.12 -11.42
N THR B 214 -32.46 -15.44 -12.61
CA THR B 214 -32.37 -14.58 -13.77
C THR B 214 -33.55 -13.62 -13.83
N PRO B 215 -33.43 -12.52 -14.60
CA PRO B 215 -34.55 -11.59 -14.73
C PRO B 215 -35.84 -12.30 -15.12
N HIS B 216 -36.95 -11.78 -14.59
CA HIS B 216 -38.32 -12.28 -14.80
C HIS B 216 -38.58 -13.64 -14.21
N HIS B 217 -37.66 -14.22 -13.46
CA HIS B 217 -37.86 -15.52 -12.86
C HIS B 217 -37.92 -15.38 -11.35
N LEU B 218 -38.22 -16.49 -10.69
CA LEU B 218 -38.36 -16.56 -9.26
C LEU B 218 -37.23 -17.38 -8.67
N SER B 219 -37.12 -17.30 -7.35
CA SER B 219 -36.19 -18.07 -6.53
C SER B 219 -36.99 -19.03 -5.67
N TYR B 220 -36.39 -20.16 -5.31
CA TYR B 220 -37.16 -21.23 -4.68
C TYR B 220 -36.52 -21.61 -3.35
N ARG B 221 -37.34 -22.17 -2.46
CA ARG B 221 -36.92 -22.54 -1.13
C ARG B 221 -37.17 -24.03 -0.93
N ASP B 222 -36.38 -24.64 -0.06
CA ASP B 222 -36.55 -26.06 0.20
C ASP B 222 -37.76 -26.27 1.11
N LYS B 223 -38.03 -27.52 1.48
CA LYS B 223 -39.23 -27.81 2.27
C LYS B 223 -39.15 -27.23 3.66
N THR B 224 -37.95 -27.02 4.19
CA THR B 224 -37.79 -26.36 5.48
C THR B 224 -37.90 -24.85 5.39
N GLY B 225 -37.77 -24.28 4.19
CA GLY B 225 -37.93 -22.85 4.00
C GLY B 225 -36.67 -22.11 3.66
N GLY B 226 -35.50 -22.74 3.75
CA GLY B 226 -34.28 -22.07 3.38
C GLY B 226 -34.18 -21.94 1.87
N SER B 227 -33.66 -20.80 1.42
CA SER B 227 -33.45 -20.56 0.01
C SER B 227 -32.38 -21.50 -0.55
N TYR B 228 -32.69 -22.16 -1.67
CA TYR B 228 -31.70 -23.00 -2.34
C TYR B 228 -30.44 -22.20 -2.67
N PHE B 229 -30.61 -20.98 -3.18
CA PHE B 229 -29.46 -20.16 -3.56
C PHE B 229 -28.53 -19.94 -2.37
N ILE B 230 -29.08 -19.44 -1.26
CA ILE B 230 -28.26 -19.14 -0.09
C ILE B 230 -27.58 -20.40 0.42
N THR B 231 -28.33 -21.50 0.48
CA THR B 231 -27.79 -22.76 1.01
C THR B 231 -26.61 -23.25 0.17
N ARG B 232 -26.73 -23.20 -1.15
CA ARG B 232 -25.66 -23.69 -2.02
C ARG B 232 -24.48 -22.72 -2.06
N LEU B 233 -24.75 -21.42 -1.98
CA LEU B 233 -23.68 -20.44 -1.86
C LEU B 233 -22.84 -20.71 -0.62
N ILE B 234 -23.50 -20.92 0.52
CA ILE B 234 -22.78 -21.16 1.76
C ILE B 234 -21.95 -22.43 1.64
N SER B 235 -22.55 -23.53 1.21
CA SER B 235 -21.79 -24.77 1.16
C SER B 235 -20.64 -24.68 0.16
N CYS B 236 -20.81 -23.92 -0.93
CA CYS B 236 -19.70 -23.73 -1.86
C CYS B 236 -18.57 -22.92 -1.24
N PHE B 237 -18.92 -21.82 -0.55
CA PHE B 237 -17.91 -21.03 0.13
C PHE B 237 -17.17 -21.86 1.16
N ARG B 238 -17.88 -22.59 2.01
CA ARG B 238 -17.08 -23.26 3.03
C ARG B 238 -16.23 -24.35 2.43
N LYS B 239 -16.58 -24.88 1.25
CA LYS B 239 -15.71 -25.88 0.68
C LYS B 239 -14.61 -25.28 -0.19
N HIS B 240 -14.86 -24.16 -0.89
CA HIS B 240 -13.93 -23.70 -1.92
C HIS B 240 -13.31 -22.34 -1.66
N ALA B 241 -13.71 -21.60 -0.62
CA ALA B 241 -13.13 -20.28 -0.38
C ALA B 241 -11.63 -20.35 -0.13
N CYS B 242 -11.15 -21.50 0.37
CA CYS B 242 -9.74 -21.68 0.68
C CYS B 242 -8.86 -21.73 -0.56
N SER B 243 -9.43 -22.09 -1.71
CA SER B 243 -8.64 -22.40 -2.89
C SER B 243 -9.19 -21.79 -4.18
N CYS B 244 -10.33 -21.13 -4.14
CA CYS B 244 -10.96 -20.61 -5.35
C CYS B 244 -11.25 -19.15 -5.17
N HIS B 245 -11.07 -18.36 -6.23
CA HIS B 245 -11.43 -16.96 -6.12
C HIS B 245 -12.93 -16.77 -6.33
N LEU B 246 -13.41 -15.59 -5.92
CA LEU B 246 -14.84 -15.34 -5.79
C LEU B 246 -15.59 -15.74 -7.06
N PHE B 247 -15.04 -15.43 -8.22
CA PHE B 247 -15.72 -15.72 -9.47
C PHE B 247 -15.84 -17.23 -9.70
N ASP B 248 -14.77 -17.98 -9.41
CA ASP B 248 -14.86 -19.44 -9.51
C ASP B 248 -15.91 -20.00 -8.57
N ILE B 249 -16.03 -19.43 -7.38
CA ILE B 249 -17.01 -19.90 -6.42
C ILE B 249 -18.42 -19.70 -6.97
N PHE B 250 -18.69 -18.48 -7.45
CA PHE B 250 -19.99 -18.17 -8.03
C PHE B 250 -20.32 -19.15 -9.14
N LEU B 251 -19.33 -19.43 -9.99
CA LEU B 251 -19.53 -20.32 -11.13
C LEU B 251 -19.89 -21.72 -10.67
N LYS B 252 -19.33 -22.18 -9.56
CA LYS B 252 -19.67 -23.51 -9.06
C LYS B 252 -21.09 -23.55 -8.52
N VAL B 253 -21.54 -22.46 -7.88
CA VAL B 253 -22.95 -22.35 -7.51
C VAL B 253 -23.83 -22.46 -8.75
N GLN B 254 -23.42 -21.82 -9.85
CA GLN B 254 -24.21 -21.92 -11.07
C GLN B 254 -24.13 -23.31 -11.68
N GLN B 255 -23.00 -24.01 -11.51
CA GLN B 255 -22.93 -25.37 -12.06
C GLN B 255 -23.89 -26.29 -11.33
N SER B 256 -24.09 -26.03 -10.03
CA SER B 256 -24.98 -26.87 -9.23
C SER B 256 -26.44 -26.70 -9.63
N PHE B 257 -26.82 -25.54 -10.15
CA PHE B 257 -28.18 -25.34 -10.65
C PHE B 257 -28.38 -25.92 -12.04
N GLU B 258 -27.30 -26.26 -12.73
CA GLU B 258 -27.38 -27.01 -13.98
C GLU B 258 -27.41 -28.50 -13.69
N LYS B 259 -26.55 -28.96 -12.76
CA LYS B 259 -26.47 -30.37 -12.38
C LYS B 259 -27.68 -30.82 -11.57
N ALA B 260 -28.18 -29.96 -10.69
CA ALA B 260 -29.32 -30.25 -9.82
C ALA B 260 -30.31 -29.11 -10.01
N SER B 261 -31.09 -29.19 -11.08
CA SER B 261 -32.01 -28.12 -11.47
C SER B 261 -33.01 -27.80 -10.36
N ILE B 262 -33.42 -26.54 -10.30
CA ILE B 262 -34.50 -26.12 -9.41
C ILE B 262 -35.46 -25.29 -10.26
N HIS B 263 -36.35 -25.98 -10.97
CA HIS B 263 -37.26 -25.34 -11.93
C HIS B 263 -36.41 -24.59 -12.95
N SER B 264 -36.66 -23.31 -13.22
CA SER B 264 -35.83 -22.59 -14.17
C SER B 264 -34.89 -21.61 -13.47
N GLN B 265 -34.62 -21.81 -12.18
CA GLN B 265 -33.84 -20.85 -11.43
C GLN B 265 -32.37 -21.03 -11.74
N MET B 266 -31.70 -19.94 -12.10
CA MET B 266 -30.28 -19.97 -12.42
C MET B 266 -29.67 -18.68 -11.90
N PRO B 267 -28.84 -18.77 -10.87
CA PRO B 267 -28.20 -17.55 -10.36
C PRO B 267 -27.38 -16.89 -11.46
N THR B 268 -27.26 -15.56 -11.36
CA THR B 268 -26.75 -14.69 -12.40
C THR B 268 -25.69 -13.74 -11.86
N ILE B 269 -24.58 -13.63 -12.56
CA ILE B 269 -23.54 -12.68 -12.22
C ILE B 269 -23.79 -11.41 -13.03
N ASP B 270 -23.90 -10.27 -12.34
CA ASP B 270 -24.35 -9.03 -12.96
C ASP B 270 -23.40 -7.87 -12.71
N ARG B 271 -23.35 -6.97 -13.69
CA ARG B 271 -22.73 -5.65 -13.57
C ARG B 271 -21.35 -5.75 -12.89
N ALA B 272 -20.53 -6.66 -13.42
CA ALA B 272 -19.27 -7.02 -12.80
C ALA B 272 -18.16 -6.16 -13.40
N THR B 273 -17.44 -5.45 -12.54
CA THR B 273 -16.32 -4.61 -12.97
C THR B 273 -15.11 -4.89 -12.10
N LEU B 274 -14.97 -6.11 -11.58
CA LEU B 274 -13.74 -6.47 -10.87
C LEU B 274 -12.60 -6.46 -11.86
N THR B 275 -11.44 -5.98 -11.41
CA THR B 275 -10.25 -5.91 -12.26
C THR B 275 -9.22 -6.95 -11.84
N ARG B 276 -9.47 -7.72 -10.78
CA ARG B 276 -8.53 -8.74 -10.36
C ARG B 276 -9.33 -9.91 -9.83
N TYR B 277 -8.65 -11.01 -9.59
CA TYR B 277 -9.26 -12.11 -8.86
C TYR B 277 -9.39 -11.73 -7.39
N PHE B 278 -10.51 -12.11 -6.79
CA PHE B 278 -10.76 -11.84 -5.38
C PHE B 278 -10.67 -13.14 -4.61
N TYR B 279 -9.49 -13.43 -4.04
CA TYR B 279 -9.36 -14.55 -3.12
C TYR B 279 -9.65 -14.06 -1.71
N LEU B 280 -10.30 -14.92 -0.91
CA LEU B 280 -10.65 -14.55 0.45
C LEU B 280 -9.61 -14.99 1.46
N PHE B 281 -8.78 -15.98 1.12
CA PHE B 281 -7.75 -16.53 2.02
C PHE B 281 -8.32 -16.73 3.43
N PRO B 282 -9.35 -17.55 3.58
CA PRO B 282 -9.93 -17.75 4.91
C PRO B 282 -8.87 -18.17 5.93
N GLY B 283 -9.00 -17.62 7.13
CA GLY B 283 -8.04 -17.90 8.19
C GLY B 283 -6.81 -17.03 8.17
N ASN B 284 -6.69 -16.11 7.21
CA ASN B 284 -5.52 -15.23 7.16
C ASN B 284 -5.94 -13.76 7.24
N ASN C 11 35.07 -13.01 1.26
CA ASN C 11 34.76 -11.93 2.19
C ASN C 11 35.99 -11.08 2.46
N THR C 12 36.36 -10.30 1.45
CA THR C 12 37.46 -9.38 1.51
C THR C 12 36.94 -8.01 1.11
N LEU C 13 37.70 -7.00 1.48
CA LEU C 13 37.30 -5.64 1.16
C LEU C 13 37.32 -5.39 -0.34
N LYS C 14 36.21 -4.89 -0.88
CA LYS C 14 36.13 -4.56 -2.29
C LYS C 14 36.46 -3.07 -2.46
N LEU C 15 37.17 -2.75 -3.53
CA LEU C 15 37.92 -1.51 -3.62
C LEU C 15 37.22 -0.45 -4.48
N CYS C 16 37.33 0.80 -4.04
CA CYS C 16 36.93 1.89 -4.91
C CYS C 16 37.96 2.01 -6.02
N SER C 17 37.50 1.95 -7.26
CA SER C 17 38.41 2.13 -8.36
C SER C 17 39.11 3.48 -8.22
N PRO C 18 40.41 3.54 -8.48
CA PRO C 18 41.10 4.83 -8.51
C PRO C 18 40.34 5.87 -9.30
N GLU C 19 39.56 5.46 -10.31
CA GLU C 19 39.09 6.44 -11.29
C GLU C 19 37.95 7.19 -10.64
N GLU C 20 37.08 6.41 -9.95
CA GLU C 20 35.96 6.92 -9.19
C GLU C 20 36.45 7.80 -8.04
N PHE C 21 37.64 7.51 -7.50
CA PHE C 21 38.21 8.33 -6.45
C PHE C 21 38.30 9.79 -6.87
N THR C 22 39.15 10.11 -7.86
CA THR C 22 39.26 11.51 -8.31
C THR C 22 37.96 12.00 -8.95
N ARG C 23 37.24 11.12 -9.65
CA ARG C 23 35.96 11.50 -10.25
C ARG C 23 35.00 12.09 -9.21
N LEU C 24 34.81 11.39 -8.08
CA LEU C 24 33.89 11.88 -7.04
C LEU C 24 34.41 13.13 -6.36
N CYS C 25 35.73 13.24 -6.18
CA CYS C 25 36.33 14.41 -5.54
C CYS C 25 36.20 15.67 -6.39
N ARG C 26 35.86 15.55 -7.66
CA ARG C 26 35.77 16.71 -8.54
C ARG C 26 34.36 17.26 -8.67
N GLU C 27 33.38 16.40 -8.92
CA GLU C 27 32.04 16.88 -9.21
C GLU C 27 31.32 17.29 -7.93
N LYS C 28 31.50 16.51 -6.85
CA LYS C 28 30.79 16.76 -5.60
C LYS C 28 31.83 17.06 -4.52
N THR C 29 32.65 18.10 -4.75
CA THR C 29 33.89 18.30 -3.96
C THR C 29 33.62 18.85 -2.56
N GLN C 30 32.59 19.67 -2.38
CA GLN C 30 32.29 20.23 -1.07
C GLN C 30 31.04 19.62 -0.45
N GLU C 31 30.49 18.57 -1.05
CA GLU C 31 29.52 17.72 -0.40
C GLU C 31 30.17 16.49 0.20
N ILE C 32 31.47 16.34 -0.02
CA ILE C 32 32.25 15.18 0.36
C ILE C 32 33.37 15.67 1.26
N TYR C 33 33.67 14.89 2.29
CA TYR C 33 34.85 15.18 3.12
C TYR C 33 36.11 14.99 2.29
N PRO C 34 37.06 15.91 2.33
CA PRO C 34 38.29 15.75 1.55
C PRO C 34 39.16 14.62 2.07
N ILE C 35 39.88 14.01 1.14
CA ILE C 35 40.75 12.90 1.47
C ILE C 35 42.20 13.18 1.13
N LYS C 36 43.07 12.59 1.92
CA LYS C 36 44.49 12.68 1.63
C LYS C 36 44.91 11.45 0.85
N GLU C 37 45.63 11.69 -0.23
CA GLU C 37 46.09 10.59 -1.07
C GLU C 37 47.36 10.02 -0.44
N ALA C 38 47.56 8.72 -0.67
CA ALA C 38 48.16 7.84 0.33
C ALA C 38 49.65 8.07 0.62
N ASN C 39 50.41 8.80 -0.22
CA ASN C 39 51.86 8.86 0.03
C ASN C 39 52.17 9.45 1.40
N GLY C 40 51.64 10.63 1.69
CA GLY C 40 51.92 11.25 2.97
C GLY C 40 50.79 11.13 3.99
N ARG C 41 50.05 10.03 3.96
CA ARG C 41 48.92 9.83 4.84
C ARG C 41 49.34 9.15 6.14
N THR C 42 48.78 9.61 7.27
CA THR C 42 48.98 8.91 8.54
C THR C 42 47.64 8.73 9.25
N ARG C 43 46.69 8.02 8.62
CA ARG C 43 45.44 7.73 9.33
C ARG C 43 45.74 6.98 10.62
N LYS C 44 45.05 7.35 11.69
CA LYS C 44 45.17 6.65 12.95
C LYS C 44 43.76 6.28 13.45
N ALA C 45 43.68 5.16 14.15
CA ALA C 45 42.42 4.71 14.74
C ALA C 45 42.72 4.14 16.12
N LEU C 46 41.75 4.26 17.02
CA LEU C 46 41.93 3.75 18.38
C LEU C 46 40.87 2.70 18.68
N ILE C 47 41.28 1.57 19.25
CA ILE C 47 40.34 0.57 19.76
C ILE C 47 40.59 0.45 21.26
N ILE C 48 39.55 0.64 22.06
CA ILE C 48 39.63 0.46 23.49
C ILE C 48 38.73 -0.69 23.84
N CYS C 49 39.29 -1.73 24.44
CA CYS C 49 38.51 -2.91 24.76
C CYS C 49 38.80 -3.35 26.18
N ASN C 50 37.75 -3.54 26.99
CA ASN C 50 38.00 -4.17 28.27
C ASN C 50 37.31 -5.53 28.24
N THR C 51 38.06 -6.58 28.55
CA THR C 51 37.57 -7.95 28.54
C THR C 51 37.37 -8.53 29.93
N GLU C 52 38.34 -8.39 30.81
CA GLU C 52 38.25 -8.89 32.17
C GLU C 52 37.97 -7.72 33.12
N PHE C 53 37.22 -8.02 34.16
CA PHE C 53 36.74 -6.99 35.07
C PHE C 53 36.83 -7.53 36.49
N LYS C 54 37.05 -6.62 37.43
CA LYS C 54 37.20 -7.04 38.81
C LYS C 54 35.87 -7.48 39.41
N HIS C 55 34.75 -6.93 38.92
CA HIS C 55 33.43 -7.23 39.46
C HIS C 55 32.38 -7.66 38.45
N LEU C 56 32.66 -7.58 37.15
CA LEU C 56 31.66 -7.86 36.12
C LEU C 56 32.09 -9.08 35.29
N SER C 57 31.11 -9.70 34.64
CA SER C 57 31.39 -10.91 33.87
C SER C 57 32.46 -10.63 32.80
N LEU C 58 33.26 -11.66 32.51
CA LEU C 58 34.27 -11.56 31.47
C LEU C 58 33.59 -11.46 30.10
N ARG C 59 34.14 -10.63 29.22
CA ARG C 59 33.50 -10.40 27.93
C ARG C 59 34.09 -11.36 26.90
N TYR C 60 33.63 -12.61 26.98
CA TYR C 60 34.03 -13.63 26.01
C TYR C 60 33.69 -13.19 24.60
N GLY C 61 34.56 -13.54 23.65
CA GLY C 61 34.38 -13.22 22.25
C GLY C 61 34.84 -11.84 21.84
N ALA C 62 35.15 -10.98 22.80
CA ALA C 62 35.59 -9.63 22.49
C ALA C 62 36.89 -9.60 21.66
N ASN C 63 37.84 -10.49 21.91
CA ASN C 63 39.06 -10.34 21.15
C ASN C 63 38.79 -10.69 19.68
N PHE C 64 37.80 -11.57 19.45
CA PHE C 64 37.36 -11.81 18.09
C PHE C 64 36.92 -10.48 17.44
N ASP C 65 36.25 -9.63 18.20
CA ASP C 65 35.81 -8.33 17.67
C ASP C 65 36.99 -7.39 17.44
N ILE C 66 37.96 -7.39 18.35
CA ILE C 66 39.18 -6.60 18.13
C ILE C 66 39.84 -7.00 16.84
N ILE C 67 39.99 -8.33 16.61
CA ILE C 67 40.67 -8.82 15.41
C ILE C 67 39.89 -8.41 14.17
N GLY C 68 38.56 -8.53 14.21
CA GLY C 68 37.75 -8.12 13.09
C GLY C 68 37.81 -6.62 12.85
N MET C 69 37.73 -5.82 13.91
CA MET C 69 37.67 -4.39 13.62
C MET C 69 39.04 -3.80 13.37
N LYS C 70 40.08 -4.35 14.02
CA LYS C 70 41.45 -3.92 13.71
C LYS C 70 41.83 -4.33 12.29
N GLY C 71 41.38 -5.49 11.84
CA GLY C 71 41.64 -5.89 10.46
C GLY C 71 40.90 -5.01 9.47
N LEU C 72 39.66 -4.62 9.79
CA LEU C 72 38.91 -3.73 8.91
C LEU C 72 39.58 -2.36 8.79
N LEU C 73 39.91 -1.74 9.93
CA LEU C 73 40.47 -0.39 9.94
C LEU C 73 41.82 -0.36 9.20
N GLU C 74 42.64 -1.39 9.38
CA GLU C 74 43.88 -1.48 8.62
C GLU C 74 43.59 -1.56 7.13
N ASP C 75 42.55 -2.30 6.74
CA ASP C 75 42.21 -2.40 5.32
C ASP C 75 41.70 -1.09 4.74
N LEU C 76 41.26 -0.17 5.59
CA LEU C 76 40.83 1.15 5.13
C LEU C 76 41.88 2.23 5.33
N GLY C 77 43.14 1.83 5.56
CA GLY C 77 44.24 2.75 5.64
C GLY C 77 44.50 3.32 7.02
N TYR C 78 43.88 2.77 8.06
CA TYR C 78 44.15 3.25 9.41
C TYR C 78 45.22 2.39 10.06
N ASP C 79 46.16 3.06 10.71
CA ASP C 79 47.09 2.41 11.61
C ASP C 79 46.43 2.40 12.98
N VAL C 80 46.36 1.23 13.61
CA VAL C 80 45.42 1.00 14.70
C VAL C 80 46.16 0.91 16.03
N VAL C 81 45.84 1.80 16.96
CA VAL C 81 46.30 1.67 18.33
C VAL C 81 45.22 0.93 19.11
N VAL C 82 45.63 -0.08 19.85
CA VAL C 82 44.72 -0.91 20.65
C VAL C 82 45.17 -0.77 22.09
N LYS C 83 44.24 -0.37 22.95
CA LYS C 83 44.57 -0.27 24.37
C LYS C 83 43.50 -1.01 25.14
N GLU C 84 43.91 -1.92 26.03
CA GLU C 84 42.97 -2.82 26.68
C GLU C 84 43.19 -2.85 28.18
N GLU C 85 42.15 -3.27 28.88
CA GLU C 85 42.10 -3.39 30.34
C GLU C 85 42.50 -2.08 31.02
N LEU C 86 41.62 -1.10 30.83
CA LEU C 86 41.76 0.24 31.40
C LEU C 86 40.58 0.58 32.30
N THR C 87 40.88 1.32 33.36
CA THR C 87 39.87 2.02 34.13
C THR C 87 39.34 3.21 33.34
N ALA C 88 38.25 3.81 33.83
CA ALA C 88 37.70 4.98 33.15
C ALA C 88 38.74 6.09 33.01
N GLU C 89 39.51 6.34 34.07
CA GLU C 89 40.57 7.35 33.98
C GLU C 89 41.66 6.92 32.99
N GLY C 90 41.97 5.63 32.94
CA GLY C 90 42.91 5.15 31.94
C GLY C 90 42.39 5.33 30.54
N MET C 91 41.06 5.23 30.36
CA MET C 91 40.46 5.51 29.06
C MET C 91 40.58 6.99 28.70
N GLU C 92 40.34 7.87 29.68
CA GLU C 92 40.52 9.30 29.47
C GLU C 92 41.94 9.63 29.02
N SER C 93 42.93 9.06 29.71
CA SER C 93 44.32 9.36 29.38
C SER C 93 44.67 8.84 28.00
N GLU C 94 44.20 7.64 27.66
CA GLU C 94 44.55 7.09 26.37
C GLU C 94 43.93 7.89 25.24
N MET C 95 42.66 8.33 25.40
CA MET C 95 42.03 9.11 24.37
C MET C 95 42.70 10.48 24.21
N LYS C 96 43.11 11.11 25.31
CA LYS C 96 43.84 12.38 25.19
C LYS C 96 45.20 12.17 24.54
N ASP C 97 45.94 11.12 24.95
CA ASP C 97 47.18 10.80 24.26
C ASP C 97 46.94 10.55 22.78
N PHE C 98 45.88 9.82 22.45
CA PHE C 98 45.59 9.56 21.05
C PHE C 98 45.18 10.84 20.33
N ALA C 99 44.39 11.69 20.99
CA ALA C 99 43.95 12.92 20.35
C ALA C 99 45.14 13.84 20.08
N ALA C 100 46.13 13.82 20.94
CA ALA C 100 47.25 14.73 20.80
C ALA C 100 48.25 14.27 19.74
N LEU C 101 48.03 13.14 19.09
CA LEU C 101 49.02 12.61 18.15
C LEU C 101 49.27 13.57 17.00
N SER C 102 50.55 13.93 16.81
CA SER C 102 51.04 14.67 15.65
C SER C 102 50.40 14.16 14.36
N GLU C 103 50.33 12.82 14.22
CA GLU C 103 49.97 12.19 12.94
C GLU C 103 48.54 12.49 12.51
N HIS C 104 47.69 13.03 13.38
CA HIS C 104 46.37 13.43 12.92
C HIS C 104 46.44 14.57 11.91
N GLN C 105 47.41 15.47 12.02
CA GLN C 105 47.46 16.53 11.01
C GLN C 105 47.68 15.96 9.62
N THR C 106 48.30 14.79 9.56
CA THR C 106 48.64 14.11 8.34
C THR C 106 47.61 13.05 7.98
N SER C 107 46.44 13.09 8.62
CA SER C 107 45.32 12.20 8.37
C SER C 107 44.13 13.03 7.91
N ASP C 108 43.10 12.33 7.45
CA ASP C 108 41.87 12.99 7.03
C ASP C 108 40.67 12.57 7.86
N SER C 109 40.85 11.73 8.88
CA SER C 109 39.75 11.22 9.69
C SER C 109 40.30 10.34 10.80
N THR C 110 39.40 9.85 11.66
CA THR C 110 39.76 8.89 12.69
C THR C 110 38.56 8.03 13.04
N PHE C 111 38.85 6.88 13.63
CA PHE C 111 37.85 5.98 14.18
C PHE C 111 38.21 5.72 15.64
N LEU C 112 37.21 5.78 16.51
CA LEU C 112 37.35 5.41 17.91
C LEU C 112 36.40 4.24 18.17
N VAL C 113 36.94 3.06 18.44
CA VAL C 113 36.10 1.89 18.66
C VAL C 113 36.18 1.52 20.14
N LEU C 114 35.02 1.53 20.79
CA LEU C 114 34.88 1.30 22.22
C LEU C 114 34.06 0.04 22.48
N MET C 115 34.62 -0.87 23.27
CA MET C 115 34.05 -2.21 23.49
C MET C 115 34.21 -2.53 24.97
N SER C 116 33.12 -2.55 25.71
CA SER C 116 33.20 -2.87 27.13
C SER C 116 31.79 -3.16 27.65
N HIS C 117 31.69 -3.40 28.95
CA HIS C 117 30.40 -3.25 29.61
C HIS C 117 30.01 -1.78 29.60
N GLY C 118 28.71 -1.53 29.59
CA GLY C 118 28.21 -0.17 29.45
C GLY C 118 27.06 0.13 30.40
N THR C 119 26.92 1.40 30.72
CA THR C 119 25.75 1.97 31.37
C THR C 119 24.97 2.84 30.40
N LEU C 120 23.89 3.45 30.91
CA LEU C 120 23.03 4.28 30.07
C LEU C 120 23.81 5.43 29.45
N HIS C 121 24.69 6.06 30.22
CA HIS C 121 25.38 7.24 29.74
C HIS C 121 26.88 7.07 29.65
N GLY C 122 27.43 5.87 29.87
CA GLY C 122 28.86 5.71 29.86
C GLY C 122 29.36 4.32 29.50
N ILE C 123 30.69 4.20 29.44
CA ILE C 123 31.40 2.95 29.16
C ILE C 123 32.22 2.57 30.39
N CYS C 124 32.16 1.30 30.78
CA CYS C 124 32.75 0.86 32.04
C CYS C 124 34.24 0.59 31.93
N GLY C 125 34.98 1.01 32.98
CA GLY C 125 36.36 0.59 33.15
C GLY C 125 36.46 -0.73 33.91
N THR C 126 37.70 -1.27 33.97
CA THR C 126 37.88 -2.59 34.53
C THR C 126 37.37 -2.70 35.96
N MET C 127 37.36 -1.58 36.69
CA MET C 127 37.08 -1.59 38.13
C MET C 127 35.63 -1.26 38.49
N HIS C 128 34.73 -1.17 37.51
CA HIS C 128 33.37 -0.69 37.78
C HIS C 128 32.54 -1.69 38.58
N SER C 129 31.73 -1.15 39.49
CA SER C 129 30.62 -1.85 40.11
C SER C 129 29.66 -0.75 40.59
N GLU C 130 28.45 -1.14 40.99
CA GLU C 130 27.49 -0.11 41.33
C GLU C 130 27.87 0.65 42.59
N LYS C 131 28.65 0.04 43.47
CA LYS C 131 29.23 0.72 44.63
C LYS C 131 30.56 1.38 44.32
N THR C 132 31.27 0.89 43.30
CA THR C 132 32.57 1.41 42.87
C THR C 132 32.51 1.85 41.41
N PRO C 133 31.71 2.88 41.10
CA PRO C 133 31.55 3.26 39.69
C PRO C 133 32.89 3.66 39.08
N ASP C 134 33.10 3.19 37.87
CA ASP C 134 34.31 3.43 37.11
C ASP C 134 33.85 3.57 35.66
N VAL C 135 33.20 4.68 35.37
CA VAL C 135 32.51 4.92 34.11
C VAL C 135 33.11 6.14 33.44
N LEU C 136 33.34 6.01 32.15
CA LEU C 136 33.71 7.13 31.30
C LEU C 136 32.44 7.58 30.60
N GLN C 137 32.02 8.83 30.83
CA GLN C 137 30.85 9.36 30.15
C GLN C 137 31.13 9.54 28.67
N TYR C 138 30.20 9.08 27.84
CA TYR C 138 30.28 9.31 26.40
C TYR C 138 30.46 10.78 26.09
N ASP C 139 29.77 11.63 26.85
CA ASP C 139 29.96 13.07 26.73
C ASP C 139 31.44 13.47 26.74
N THR C 140 32.25 12.79 27.56
CA THR C 140 33.65 13.18 27.73
C THR C 140 34.45 12.98 26.45
N ILE C 141 34.12 11.97 25.66
CA ILE C 141 34.78 11.77 24.38
C ILE C 141 34.70 13.04 23.54
N TYR C 142 33.51 13.65 23.46
CA TYR C 142 33.32 14.80 22.61
C TYR C 142 34.14 15.99 23.08
N GLN C 143 34.35 16.13 24.38
CA GLN C 143 35.19 17.24 24.81
C GLN C 143 36.65 16.97 24.46
N ILE C 144 37.09 15.71 24.55
CA ILE C 144 38.49 15.40 24.25
C ILE C 144 38.80 15.59 22.77
N PHE C 145 37.85 15.33 21.88
CA PHE C 145 38.14 15.31 20.45
C PHE C 145 37.53 16.50 19.69
N ASN C 146 37.00 17.50 20.37
CA ASN C 146 36.35 18.59 19.66
C ASN C 146 37.40 19.56 19.10
N ASN C 147 36.96 20.69 18.53
CA ASN C 147 37.84 21.50 17.68
C ASN C 147 39.02 22.18 18.43
N CYS C 148 38.88 22.56 19.75
CA CYS C 148 40.01 23.12 20.55
C CYS C 148 40.89 22.04 21.06
N HIS C 149 40.32 20.92 21.55
CA HIS C 149 41.17 20.01 22.28
C HIS C 149 41.84 18.98 21.37
N CYS C 150 41.42 18.90 20.10
CA CYS C 150 42.07 18.04 19.10
C CYS C 150 42.26 18.84 17.83
N PRO C 151 43.23 19.76 17.81
CA PRO C 151 43.46 20.58 16.60
C PRO C 151 43.79 19.77 15.36
N GLY C 152 44.42 18.60 15.53
CA GLY C 152 44.76 17.78 14.38
C GLY C 152 43.58 17.20 13.62
N LEU C 153 42.43 17.05 14.28
CA LEU C 153 41.25 16.44 13.67
C LEU C 153 40.12 17.44 13.46
N ARG C 154 40.46 18.72 13.35
CA ARG C 154 39.46 19.77 13.15
C ARG C 154 38.91 19.68 11.72
N ASP C 155 37.58 19.75 11.59
CA ASP C 155 36.86 19.63 10.33
C ASP C 155 37.08 18.30 9.63
N LYS C 156 37.52 17.27 10.36
CA LYS C 156 37.65 15.92 9.83
C LYS C 156 36.69 14.99 10.57
N PRO C 157 36.09 14.01 9.86
CA PRO C 157 35.09 13.15 10.51
C PRO C 157 35.70 12.32 11.64
N LYS C 158 35.03 12.34 12.79
CA LYS C 158 35.39 11.55 13.96
C LYS C 158 34.30 10.52 14.21
N VAL C 159 34.55 9.27 13.84
CA VAL C 159 33.56 8.20 13.86
C VAL C 159 33.72 7.38 15.13
N ILE C 160 32.68 7.34 15.95
CA ILE C 160 32.69 6.59 17.20
C ILE C 160 31.83 5.34 16.97
N ILE C 161 32.42 4.17 17.17
CA ILE C 161 31.76 2.87 17.18
C ILE C 161 31.75 2.37 18.60
N VAL C 162 30.56 2.03 19.13
CA VAL C 162 30.44 1.58 20.50
C VAL C 162 29.81 0.19 20.52
N GLN C 163 30.57 -0.79 21.04
CA GLN C 163 30.06 -2.13 21.28
C GLN C 163 29.91 -2.28 22.78
N ALA C 164 28.67 -2.15 23.27
CA ALA C 164 28.37 -2.17 24.69
C ALA C 164 26.86 -2.31 24.88
N ALA C 165 26.45 -2.86 26.02
CA ALA C 165 25.08 -2.68 26.46
C ALA C 165 24.86 -1.23 26.85
N ARG C 166 23.59 -0.82 26.90
CA ARG C 166 23.32 0.58 27.16
C ARG C 166 22.41 0.77 28.36
N GLY C 167 22.70 0.09 29.46
CA GLY C 167 21.93 0.29 30.68
C GLY C 167 21.39 -0.91 31.42
N GLY C 168 21.70 -2.13 30.96
CA GLY C 168 21.21 -3.28 31.69
C GLY C 168 22.03 -3.58 32.93
N ASN C 169 22.43 -4.84 33.07
CA ASN C 169 23.63 -5.26 33.79
C ASN C 169 24.05 -4.37 34.97
N HIS C 202 33.48 26.57 22.85
CA HIS C 202 33.66 26.32 21.39
C HIS C 202 33.21 25.00 20.68
N VAL C 203 33.41 24.97 19.36
CA VAL C 203 32.50 24.26 18.47
C VAL C 203 32.65 22.72 18.50
N GLU C 204 31.50 22.04 18.42
CA GLU C 204 31.45 20.59 18.21
C GLU C 204 30.79 20.29 16.87
N LYS C 205 31.49 19.56 15.99
CA LYS C 205 30.93 19.13 14.71
C LYS C 205 31.86 18.09 14.09
N ASP C 206 31.34 17.43 13.05
CA ASP C 206 32.04 16.37 12.31
C ASP C 206 32.23 15.10 13.16
N PHE C 207 31.32 14.85 14.09
CA PHE C 207 31.24 13.58 14.83
C PHE C 207 30.07 12.74 14.29
N ILE C 208 30.22 11.42 14.40
CA ILE C 208 29.08 10.49 14.29
C ILE C 208 29.35 9.30 15.17
N ALA C 209 28.30 8.78 15.83
CA ALA C 209 28.39 7.63 16.71
C ALA C 209 27.43 6.53 16.26
N PHE C 210 27.92 5.31 16.21
CA PHE C 210 27.11 4.17 15.82
C PHE C 210 27.18 3.19 16.97
N TYR C 211 26.10 3.11 17.75
CA TYR C 211 26.00 2.25 18.91
C TYR C 211 25.45 0.89 18.51
N SER C 212 25.93 -0.17 19.19
CA SER C 212 25.49 -1.50 18.81
C SER C 212 24.02 -1.75 19.10
N THR C 213 23.42 -1.00 20.02
CA THR C 213 22.02 -1.20 20.40
C THR C 213 21.41 0.14 20.84
N THR C 214 20.15 0.10 21.25
CA THR C 214 19.48 1.31 21.67
C THR C 214 19.63 1.54 23.16
N PRO C 215 19.35 2.75 23.63
CA PRO C 215 19.37 3.02 25.08
C PRO C 215 18.51 2.01 25.82
N HIS C 216 18.97 1.65 27.02
CA HIS C 216 18.34 0.70 27.94
C HIS C 216 18.34 -0.76 27.47
N HIS C 217 18.93 -1.07 26.31
CA HIS C 217 18.88 -2.40 25.72
C HIS C 217 20.28 -3.01 25.68
N LEU C 218 20.35 -4.28 25.28
CA LEU C 218 21.60 -5.03 25.26
C LEU C 218 22.04 -5.36 23.84
N SER C 219 23.28 -5.82 23.74
CA SER C 219 23.87 -6.28 22.50
C SER C 219 24.18 -7.77 22.64
N TYR C 220 24.09 -8.50 21.52
CA TYR C 220 24.09 -9.96 21.56
C TYR C 220 25.18 -10.56 20.66
N ARG C 221 25.56 -11.80 20.98
CA ARG C 221 26.61 -12.53 20.27
C ARG C 221 26.06 -13.86 19.77
N ASP C 222 26.62 -14.36 18.67
CA ASP C 222 26.25 -15.68 18.19
C ASP C 222 26.98 -16.73 19.03
N LYS C 223 26.74 -18.01 18.75
CA LYS C 223 27.31 -19.06 19.60
C LYS C 223 28.82 -19.16 19.45
N THR C 224 29.38 -18.71 18.32
CA THR C 224 30.82 -18.71 18.16
C THR C 224 31.49 -17.57 18.94
N GLY C 225 30.70 -16.63 19.44
CA GLY C 225 31.19 -15.57 20.31
C GLY C 225 31.24 -14.18 19.69
N GLY C 226 31.09 -14.08 18.37
CA GLY C 226 31.20 -12.78 17.71
C GLY C 226 29.96 -11.93 17.90
N SER C 227 30.19 -10.64 18.14
CA SER C 227 29.09 -9.69 18.28
C SER C 227 28.37 -9.55 16.94
N TYR C 228 27.05 -9.68 16.99
CA TYR C 228 26.26 -9.51 15.77
C TYR C 228 26.55 -8.17 15.11
N PHE C 229 26.59 -7.10 15.92
CA PHE C 229 26.83 -5.75 15.39
C PHE C 229 28.19 -5.65 14.69
N ILE C 230 29.26 -6.08 15.37
CA ILE C 230 30.59 -5.99 14.78
C ILE C 230 30.68 -6.83 13.51
N THR C 231 30.10 -8.04 13.53
CA THR C 231 30.17 -8.93 12.37
C THR C 231 29.47 -8.31 11.17
N ARG C 232 28.28 -7.74 11.38
CA ARG C 232 27.52 -7.20 10.28
C ARG C 232 28.11 -5.89 9.79
N LEU C 233 28.61 -5.07 10.72
CA LEU C 233 29.31 -3.84 10.34
C LEU C 233 30.49 -4.13 9.43
N ILE C 234 31.32 -5.11 9.82
CA ILE C 234 32.50 -5.45 9.02
C ILE C 234 32.10 -5.89 7.62
N SER C 235 31.21 -6.89 7.54
CA SER C 235 30.83 -7.43 6.24
C SER C 235 30.15 -6.37 5.38
N CYS C 236 29.35 -5.49 5.98
CA CYS C 236 28.72 -4.41 5.23
C CYS C 236 29.74 -3.42 4.72
N PHE C 237 30.69 -3.06 5.57
CA PHE C 237 31.78 -2.24 5.11
C PHE C 237 32.49 -2.87 3.94
N ARG C 238 32.79 -4.17 4.03
CA ARG C 238 33.64 -4.78 3.00
C ARG C 238 32.97 -4.82 1.64
N LYS C 239 31.63 -4.83 1.59
CA LYS C 239 30.92 -4.87 0.31
C LYS C 239 30.53 -3.49 -0.22
N HIS C 240 30.29 -2.51 0.64
CA HIS C 240 29.72 -1.26 0.19
C HIS C 240 30.63 -0.06 0.36
N ALA C 241 31.78 -0.21 1.04
CA ALA C 241 32.68 0.91 1.22
C ALA C 241 33.16 1.46 -0.11
N CYS C 242 33.23 0.59 -1.13
CA CYS C 242 33.65 1.02 -2.46
C CYS C 242 32.64 1.95 -3.12
N SER C 243 31.37 1.89 -2.71
CA SER C 243 30.32 2.58 -3.44
C SER C 243 29.35 3.38 -2.59
N CYS C 244 29.41 3.27 -1.27
CA CYS C 244 28.47 3.95 -0.39
C CYS C 244 29.21 4.75 0.66
N HIS C 245 28.65 5.90 1.02
CA HIS C 245 29.26 6.70 2.08
C HIS C 245 28.81 6.17 3.44
N LEU C 246 29.56 6.59 4.47
CA LEU C 246 29.46 6.02 5.81
C LEU C 246 28.03 5.91 6.30
N PHE C 247 27.21 6.92 6.02
CA PHE C 247 25.82 6.89 6.47
C PHE C 247 25.04 5.76 5.83
N ASP C 248 25.20 5.56 4.52
CA ASP C 248 24.48 4.47 3.87
C ASP C 248 24.90 3.14 4.44
N ILE C 249 26.19 2.99 4.75
CA ILE C 249 26.70 1.73 5.29
C ILE C 249 26.07 1.45 6.66
N PHE C 250 26.07 2.45 7.54
CA PHE C 250 25.41 2.31 8.83
C PHE C 250 23.95 1.92 8.69
N LEU C 251 23.22 2.59 7.79
CA LEU C 251 21.80 2.30 7.65
C LEU C 251 21.58 0.89 7.15
N LYS C 252 22.50 0.37 6.34
CA LYS C 252 22.35 -0.99 5.85
C LYS C 252 22.57 -1.99 6.98
N VAL C 253 23.53 -1.70 7.88
CA VAL C 253 23.69 -2.51 9.08
C VAL C 253 22.40 -2.50 9.89
N GLN C 254 21.77 -1.31 10.04
CA GLN C 254 20.53 -1.24 10.83
C GLN C 254 19.37 -1.95 10.16
N GLN C 255 19.30 -1.93 8.82
CA GLN C 255 18.22 -2.66 8.19
C GLN C 255 18.43 -4.16 8.39
N SER C 256 19.68 -4.61 8.55
CA SER C 256 19.90 -6.04 8.77
C SER C 256 19.36 -6.49 10.11
N PHE C 257 19.31 -5.61 11.11
CA PHE C 257 18.70 -5.95 12.39
C PHE C 257 17.20 -5.85 12.33
N GLU C 258 16.64 -5.30 11.27
CA GLU C 258 15.20 -5.34 11.11
C GLU C 258 14.73 -6.62 10.43
N LYS C 259 15.37 -6.99 9.31
CA LYS C 259 14.97 -8.19 8.60
C LYS C 259 15.40 -9.44 9.34
N ALA C 260 16.50 -9.38 10.10
CA ALA C 260 16.99 -10.51 10.88
C ALA C 260 17.09 -10.01 12.33
N SER C 261 15.94 -10.00 13.01
CA SER C 261 15.90 -9.47 14.37
C SER C 261 16.84 -10.28 15.26
N ILE C 262 17.41 -9.60 16.25
CA ILE C 262 18.25 -10.22 17.28
C ILE C 262 17.72 -9.70 18.61
N HIS C 263 16.71 -10.38 19.17
CA HIS C 263 15.99 -9.92 20.38
C HIS C 263 15.41 -8.54 20.03
N SER C 264 15.57 -7.50 20.86
CA SER C 264 15.18 -6.17 20.42
C SER C 264 16.40 -5.26 20.21
N GLN C 265 17.52 -5.85 19.76
CA GLN C 265 18.75 -5.11 19.54
C GLN C 265 18.62 -4.32 18.23
N MET C 266 18.93 -3.02 18.28
CA MET C 266 18.87 -2.18 17.09
C MET C 266 19.99 -1.14 17.16
N PRO C 267 20.99 -1.20 16.28
CA PRO C 267 22.05 -0.19 16.30
C PRO C 267 21.47 1.19 16.07
N THR C 268 22.14 2.19 16.68
CA THR C 268 21.62 3.55 16.79
C THR C 268 22.69 4.53 16.35
N ILE C 269 22.33 5.46 15.48
CA ILE C 269 23.19 6.56 15.09
C ILE C 269 22.89 7.76 16.00
N ASP C 270 23.94 8.29 16.63
CA ASP C 270 23.79 9.28 17.69
C ASP C 270 24.67 10.51 17.45
N ARG C 271 24.19 11.65 17.98
CA ARG C 271 24.99 12.87 18.16
C ARG C 271 25.80 13.16 16.90
N ALA C 272 25.09 13.13 15.77
CA ALA C 272 25.73 13.15 14.47
C ALA C 272 25.77 14.60 13.97
N THR C 273 26.99 15.07 13.69
CA THR C 273 27.25 16.41 13.19
C THR C 273 28.20 16.37 12.00
N LEU C 274 28.15 15.32 11.20
CA LEU C 274 28.87 15.36 9.92
C LEU C 274 28.19 16.39 9.02
N THR C 275 28.99 17.12 8.25
CA THR C 275 28.49 18.15 7.34
C THR C 275 28.58 17.75 5.88
N ARG C 276 29.18 16.61 5.57
CA ARG C 276 29.30 16.09 4.22
C ARG C 276 29.18 14.59 4.28
N TYR C 277 29.04 13.97 3.11
CA TYR C 277 29.11 12.52 3.04
C TYR C 277 30.56 12.11 3.27
N PHE C 278 30.76 11.02 4.00
CA PHE C 278 32.10 10.50 4.28
C PHE C 278 32.28 9.21 3.48
N TYR C 279 32.85 9.34 2.28
CA TYR C 279 33.24 8.19 1.47
C TYR C 279 34.64 7.79 1.85
N LEU C 280 34.89 6.48 1.92
CA LEU C 280 36.21 6.00 2.31
C LEU C 280 37.13 5.67 1.14
N PHE C 281 36.58 5.48 -0.06
CA PHE C 281 37.35 5.14 -1.26
C PHE C 281 38.40 4.06 -0.94
N PRO C 282 37.96 2.86 -0.53
CA PRO C 282 38.93 1.82 -0.15
C PRO C 282 39.93 1.54 -1.26
N GLY C 283 41.18 1.35 -0.88
CA GLY C 283 42.24 1.10 -1.83
C GLY C 283 42.87 2.33 -2.44
N ASN C 284 42.42 3.54 -2.07
CA ASN C 284 43.00 4.76 -2.60
C ASN C 284 43.52 5.62 -1.45
N ASN D 11 10.93 29.67 -1.98
CA ASN D 11 9.80 29.75 -2.85
C ASN D 11 8.78 29.03 -1.97
N THR D 12 8.05 28.05 -2.52
CA THR D 12 7.13 27.20 -1.78
C THR D 12 7.46 25.75 -2.13
N LEU D 13 7.02 24.83 -1.26
CA LEU D 13 7.20 23.38 -1.39
C LEU D 13 7.03 22.87 -2.81
N LYS D 14 7.96 22.02 -3.23
CA LYS D 14 7.97 21.37 -4.53
C LYS D 14 7.19 20.08 -4.45
N LEU D 15 6.51 19.73 -5.53
CA LEU D 15 5.69 18.53 -5.50
C LEU D 15 6.45 17.46 -6.25
N CYS D 16 6.55 16.26 -5.67
CA CYS D 16 7.08 15.12 -6.41
C CYS D 16 6.02 14.66 -7.39
N SER D 17 6.38 14.56 -8.65
CA SER D 17 5.43 14.12 -9.66
C SER D 17 4.82 12.77 -9.27
N PRO D 18 3.52 12.58 -9.45
CA PRO D 18 2.93 11.25 -9.28
C PRO D 18 3.65 10.16 -10.05
N GLU D 19 4.15 10.46 -11.24
CA GLU D 19 4.99 9.49 -11.97
C GLU D 19 6.09 8.95 -11.07
N GLU D 20 6.96 9.86 -10.55
CA GLU D 20 8.09 9.45 -9.74
C GLU D 20 7.66 8.82 -8.41
N PHE D 21 6.53 9.27 -7.85
CA PHE D 21 5.97 8.67 -6.66
C PHE D 21 5.76 7.17 -6.83
N THR D 22 4.84 6.79 -7.72
CA THR D 22 4.58 5.37 -7.93
C THR D 22 5.81 4.65 -8.47
N ARG D 23 6.53 5.25 -9.41
CA ARG D 23 7.76 4.62 -9.86
C ARG D 23 8.77 4.45 -8.71
N LEU D 24 9.03 5.49 -7.91
CA LEU D 24 10.00 5.30 -6.81
C LEU D 24 9.51 4.29 -5.77
N CYS D 25 8.20 4.22 -5.51
CA CYS D 25 7.67 3.23 -4.56
C CYS D 25 7.76 1.80 -5.08
N ARG D 26 8.02 1.62 -6.37
CA ARG D 26 8.09 0.33 -7.02
C ARG D 26 9.52 -0.17 -7.17
N GLU D 27 10.48 0.74 -7.31
CA GLU D 27 11.85 0.38 -7.62
C GLU D 27 12.54 -0.27 -6.43
N LYS D 28 12.47 0.42 -5.30
CA LYS D 28 13.24 0.12 -4.11
C LYS D 28 12.28 -0.06 -2.92
N THR D 29 11.41 -1.08 -3.00
CA THR D 29 10.30 -1.18 -2.07
C THR D 29 10.74 -1.54 -0.66
N GLN D 30 11.84 -2.30 -0.51
CA GLN D 30 12.27 -2.72 0.82
C GLN D 30 13.42 -1.88 1.37
N GLU D 31 13.85 -0.83 0.69
CA GLU D 31 14.72 0.15 1.32
C GLU D 31 14.02 1.45 1.60
N ILE D 32 12.71 1.55 1.33
CA ILE D 32 11.94 2.75 1.60
C ILE D 32 10.75 2.41 2.52
N TYR D 33 10.44 3.34 3.44
CA TYR D 33 9.22 3.25 4.23
C TYR D 33 7.99 3.34 3.31
N PRO D 34 7.00 2.46 3.47
CA PRO D 34 5.84 2.50 2.58
C PRO D 34 5.00 3.76 2.80
N ILE D 35 4.29 4.17 1.75
CA ILE D 35 3.48 5.38 1.78
C ILE D 35 2.01 4.97 1.75
N LYS D 36 1.19 5.70 2.50
CA LYS D 36 -0.27 5.58 2.47
C LYS D 36 -0.81 6.65 1.55
N GLU D 37 -1.82 6.29 0.74
CA GLU D 37 -2.35 7.25 -0.23
C GLU D 37 -3.30 8.26 0.39
N ALA D 38 -3.36 9.44 -0.25
CA ALA D 38 -3.98 10.60 0.35
C ALA D 38 -5.49 10.48 0.45
N ASN D 39 -6.09 9.52 -0.28
CA ASN D 39 -7.54 9.36 -0.27
C ASN D 39 -8.04 9.04 1.14
N GLY D 40 -7.46 8.02 1.78
CA GLY D 40 -7.80 7.63 3.13
C GLY D 40 -6.78 8.11 4.13
N ARG D 41 -6.23 9.31 3.91
CA ARG D 41 -5.11 9.88 4.66
C ARG D 41 -5.53 10.47 6.00
N THR D 42 -4.78 10.14 7.05
CA THR D 42 -4.93 10.80 8.35
C THR D 42 -3.56 11.05 8.98
N ARG D 43 -2.63 11.68 8.27
CA ARG D 43 -1.38 12.03 8.94
C ARG D 43 -1.66 12.97 10.10
N LYS D 44 -0.98 12.72 11.20
CA LYS D 44 -1.09 13.53 12.41
C LYS D 44 0.28 14.04 12.82
N ALA D 45 0.35 15.27 13.32
CA ALA D 45 1.60 15.83 13.81
C ALA D 45 1.29 16.68 15.04
N LEU D 46 2.24 16.71 15.96
CA LEU D 46 2.06 17.41 17.22
C LEU D 46 3.14 18.48 17.34
N ILE D 47 2.73 19.70 17.67
CA ILE D 47 3.66 20.76 18.04
C ILE D 47 3.34 21.16 19.48
N ILE D 48 4.34 21.10 20.33
CA ILE D 48 4.24 21.58 21.70
C ILE D 48 5.18 22.79 21.83
N CYS D 49 4.63 23.95 22.21
CA CYS D 49 5.44 25.14 22.31
C CYS D 49 5.14 25.87 23.61
N ASN D 50 6.20 26.25 24.32
CA ASN D 50 6.12 27.10 25.49
C ASN D 50 6.82 28.44 25.20
N THR D 51 6.08 29.53 25.39
CA THR D 51 6.56 30.90 25.15
C THR D 51 6.77 31.71 26.42
N GLU D 52 5.78 31.74 27.32
CA GLU D 52 5.88 32.45 28.58
C GLU D 52 6.11 31.45 29.70
N PHE D 53 6.91 31.88 30.68
CA PHE D 53 7.35 31.02 31.77
C PHE D 53 7.25 31.80 33.06
N LYS D 54 7.02 31.07 34.17
CA LYS D 54 6.88 31.73 35.46
C LYS D 54 8.22 32.27 35.96
N HIS D 55 9.33 31.66 35.56
CA HIS D 55 10.65 32.07 36.07
C HIS D 55 11.68 32.35 34.99
N LEU D 56 11.39 32.07 33.73
CA LEU D 56 12.39 32.18 32.66
C LEU D 56 11.95 33.16 31.60
N SER D 57 12.94 33.59 30.80
CA SER D 57 12.72 34.60 29.77
C SER D 57 11.61 34.16 28.85
N LEU D 58 10.86 35.14 28.34
CA LEU D 58 9.84 34.87 27.35
C LEU D 58 10.51 34.51 26.01
N ARG D 59 9.94 33.53 25.30
CA ARG D 59 10.58 33.06 24.07
C ARG D 59 10.02 33.83 22.87
N TYR D 60 10.47 35.07 22.73
CA TYR D 60 10.08 35.90 21.60
C TYR D 60 10.42 35.19 20.29
N GLY D 61 9.55 35.34 19.30
CA GLY D 61 9.73 34.74 18.01
C GLY D 61 9.21 33.32 17.88
N ALA D 62 8.89 32.66 18.99
CA ALA D 62 8.39 31.29 18.95
C ALA D 62 7.12 31.20 18.12
N ASN D 63 6.29 32.23 18.16
CA ASN D 63 5.05 32.27 17.40
C ASN D 63 5.31 32.15 15.90
N PHE D 64 6.37 32.82 15.41
CA PHE D 64 6.77 32.66 14.01
C PHE D 64 7.11 31.23 13.68
N ASP D 65 7.84 30.56 14.59
CA ASP D 65 8.25 29.19 14.32
C ASP D 65 7.07 28.24 14.33
N ILE D 66 6.10 28.46 15.23
CA ILE D 66 4.87 27.66 15.21
C ILE D 66 4.21 27.76 13.86
N ILE D 67 4.03 28.99 13.37
CA ILE D 67 3.37 29.22 12.09
C ILE D 67 4.21 28.62 10.96
N GLY D 68 5.53 28.73 11.05
CA GLY D 68 6.39 28.16 10.02
C GLY D 68 6.30 26.64 9.95
N MET D 69 6.33 25.98 11.10
CA MET D 69 6.35 24.53 11.07
C MET D 69 4.97 23.94 10.87
N LYS D 70 3.95 24.61 11.38
CA LYS D 70 2.60 24.18 11.11
C LYS D 70 2.28 24.33 9.63
N GLY D 71 2.74 25.42 9.00
CA GLY D 71 2.54 25.58 7.57
C GLY D 71 3.30 24.57 6.74
N LEU D 72 4.52 24.21 7.18
CA LEU D 72 5.29 23.15 6.53
C LEU D 72 4.59 21.80 6.69
N LEU D 73 4.24 21.45 7.93
CA LEU D 73 3.64 20.15 8.22
C LEU D 73 2.31 19.97 7.51
N GLU D 74 1.47 21.03 7.48
CA GLU D 74 0.21 20.95 6.74
C GLU D 74 0.45 20.71 5.25
N ASP D 75 1.46 21.38 4.68
CA ASP D 75 1.79 21.20 3.27
C ASP D 75 2.40 19.85 2.97
N LEU D 76 2.87 19.13 4.00
CA LEU D 76 3.32 17.76 3.83
C LEU D 76 2.22 16.77 4.17
N GLY D 77 0.99 17.23 4.26
CA GLY D 77 -0.14 16.35 4.42
C GLY D 77 -0.48 16.00 5.85
N TYR D 78 0.11 16.66 6.84
CA TYR D 78 -0.20 16.36 8.23
C TYR D 78 -1.24 17.33 8.79
N ASP D 79 -2.21 16.79 9.53
CA ASP D 79 -3.10 17.60 10.35
C ASP D 79 -2.43 17.83 11.69
N VAL D 80 -2.31 19.10 12.07
CA VAL D 80 -1.34 19.51 13.08
C VAL D 80 -2.08 19.84 14.37
N VAL D 81 -1.75 19.13 15.44
CA VAL D 81 -2.20 19.48 16.78
C VAL D 81 -1.16 20.36 17.45
N VAL D 82 -1.59 21.48 18.01
CA VAL D 82 -0.69 22.41 18.69
C VAL D 82 -1.16 22.53 20.13
N LYS D 83 -0.26 22.29 21.08
CA LYS D 83 -0.55 22.42 22.50
C LYS D 83 0.48 23.36 23.09
N GLU D 84 0.04 24.36 23.83
CA GLU D 84 0.97 25.37 24.28
C GLU D 84 0.82 25.65 25.77
N GLU D 85 1.91 26.15 26.33
CA GLU D 85 2.01 26.53 27.73
C GLU D 85 1.58 25.37 28.63
N LEU D 86 2.43 24.35 28.62
CA LEU D 86 2.25 23.14 29.41
C LEU D 86 3.41 22.99 30.39
N THR D 87 3.11 22.43 31.56
CA THR D 87 4.17 21.90 32.41
C THR D 87 4.74 20.63 31.77
N ALA D 88 5.86 20.15 32.34
CA ALA D 88 6.41 18.88 31.87
C ALA D 88 5.36 17.79 31.98
N GLU D 89 4.65 17.76 33.10
CA GLU D 89 3.58 16.80 33.32
C GLU D 89 2.47 16.94 32.29
N GLY D 90 2.11 18.18 31.93
CA GLY D 90 1.13 18.39 30.87
C GLY D 90 1.62 17.98 29.50
N MET D 91 2.92 18.19 29.22
CA MET D 91 3.50 17.74 27.95
C MET D 91 3.46 16.22 27.85
N GLU D 92 3.81 15.53 28.94
CA GLU D 92 3.69 14.08 28.99
C GLU D 92 2.26 13.65 28.69
N SER D 93 1.28 14.35 29.27
CA SER D 93 -0.12 13.96 29.08
C SER D 93 -0.58 14.18 27.65
N GLU D 94 -0.13 15.27 27.03
CA GLU D 94 -0.54 15.56 25.66
C GLU D 94 0.10 14.57 24.69
N MET D 95 1.38 14.23 24.88
CA MET D 95 1.99 13.26 23.99
C MET D 95 1.33 11.89 24.10
N LYS D 96 0.92 11.47 25.32
CA LYS D 96 0.22 10.18 25.45
C LYS D 96 -1.13 10.23 24.76
N ASP D 97 -1.90 11.31 24.98
CA ASP D 97 -3.15 11.49 24.26
C ASP D 97 -2.91 11.47 22.76
N PHE D 98 -1.87 12.18 22.32
CA PHE D 98 -1.58 12.21 20.89
C PHE D 98 -1.15 10.82 20.40
N ALA D 99 -0.38 10.10 21.20
CA ALA D 99 0.07 8.78 20.79
C ALA D 99 -1.11 7.80 20.67
N ALA D 100 -2.12 7.93 21.53
CA ALA D 100 -3.21 6.98 21.53
C ALA D 100 -4.25 7.24 20.44
N LEU D 101 -4.07 8.28 19.63
CA LEU D 101 -5.08 8.66 18.66
C LEU D 101 -5.34 7.57 17.61
N SER D 102 -6.63 7.22 17.46
CA SER D 102 -7.14 6.30 16.45
C SER D 102 -6.45 6.46 15.09
N GLU D 103 -6.33 7.71 14.63
CA GLU D 103 -5.98 8.03 13.25
C GLU D 103 -4.55 7.69 12.90
N HIS D 104 -3.71 7.36 13.89
CA HIS D 104 -2.37 6.88 13.53
C HIS D 104 -2.46 5.55 12.79
N GLN D 105 -3.48 4.75 13.09
CA GLN D 105 -3.69 3.51 12.36
C GLN D 105 -3.84 3.79 10.87
N THR D 106 -4.43 4.92 10.53
CA THR D 106 -4.63 5.25 9.12
C THR D 106 -3.62 6.27 8.58
N SER D 107 -2.47 6.40 9.24
CA SER D 107 -1.33 7.23 8.80
C SER D 107 -0.12 6.35 8.52
N ASP D 108 0.93 6.96 7.93
CA ASP D 108 2.17 6.26 7.64
C ASP D 108 3.39 6.82 8.37
N SER D 109 3.22 7.83 9.23
CA SER D 109 4.35 8.50 9.87
C SER D 109 3.83 9.56 10.83
N THR D 110 4.73 10.23 11.56
CA THR D 110 4.34 11.37 12.38
C THR D 110 5.54 12.28 12.64
N PHE D 111 5.23 13.52 13.04
CA PHE D 111 6.22 14.50 13.46
C PHE D 111 5.84 14.99 14.85
N LEU D 112 6.82 15.08 15.74
CA LEU D 112 6.65 15.67 17.06
C LEU D 112 7.59 16.88 17.13
N VAL D 113 7.03 18.07 17.24
CA VAL D 113 7.83 19.29 17.25
C VAL D 113 7.76 19.90 18.65
N LEU D 114 8.92 20.00 19.30
CA LEU D 114 9.02 20.52 20.66
C LEU D 114 9.84 21.80 20.67
N MET D 115 9.29 22.85 21.29
CA MET D 115 9.84 24.20 21.25
C MET D 115 9.72 24.78 22.66
N SER D 116 10.84 24.92 23.35
CA SER D 116 10.77 25.51 24.67
C SER D 116 12.18 25.93 25.10
N HIS D 117 12.31 26.37 26.34
CA HIS D 117 13.61 26.30 26.98
C HIS D 117 14.00 24.84 27.19
N GLY D 118 15.30 24.60 27.18
CA GLY D 118 15.80 23.25 27.30
C GLY D 118 16.94 23.17 28.28
N THR D 119 17.08 21.98 28.87
CA THR D 119 18.25 21.58 29.63
C THR D 119 19.02 20.53 28.83
N LEU D 120 20.09 20.03 29.44
CA LEU D 120 20.93 19.05 28.75
C LEU D 120 20.15 17.81 28.37
N HIS D 121 19.29 17.34 29.25
CA HIS D 121 18.60 16.09 29.02
C HIS D 121 17.09 16.22 28.87
N GLY D 122 16.54 17.43 28.87
CA GLY D 122 15.10 17.55 28.81
C GLY D 122 14.63 18.86 28.24
N ILE D 123 13.30 18.95 28.13
CA ILE D 123 12.62 20.14 27.63
C ILE D 123 11.85 20.74 28.81
N CYS D 124 11.97 22.05 28.98
CA CYS D 124 11.43 22.71 30.17
C CYS D 124 9.93 22.99 30.02
N GLY D 125 9.19 22.80 31.12
CA GLY D 125 7.82 23.25 31.20
C GLY D 125 7.72 24.70 31.63
N THR D 126 6.48 25.22 31.62
CA THR D 126 6.27 26.63 31.91
C THR D 126 6.74 27.00 33.31
N MET D 127 6.76 26.03 34.22
CA MET D 127 7.01 26.28 35.63
C MET D 127 8.44 25.99 36.04
N HIS D 128 9.33 25.69 35.09
CA HIS D 128 10.67 25.24 35.45
C HIS D 128 11.49 26.37 36.08
N SER D 129 12.25 26.01 37.10
CA SER D 129 13.36 26.80 37.62
C SER D 129 14.32 25.79 38.24
N GLU D 130 15.55 26.20 38.45
CA GLU D 130 16.50 25.20 38.91
C GLU D 130 16.20 24.85 40.33
N LYS D 131 15.52 25.72 40.98
CA LYS D 131 15.15 25.42 42.33
C LYS D 131 13.83 24.67 42.38
N THR D 132 12.96 24.82 41.36
CA THR D 132 11.69 24.06 41.19
C THR D 132 11.63 23.38 39.81
N PRO D 133 12.49 22.38 39.57
CA PRO D 133 12.60 21.80 38.21
C PRO D 133 11.29 21.19 37.71
N ASP D 134 11.02 21.43 36.41
CA ASP D 134 9.82 21.02 35.69
C ASP D 134 10.28 20.65 34.28
N VAL D 135 10.93 19.49 34.16
CA VAL D 135 11.59 19.07 32.93
C VAL D 135 10.98 17.76 32.45
N LEU D 136 10.74 17.66 31.14
CA LEU D 136 10.38 16.40 30.50
C LEU D 136 11.62 15.83 29.83
N GLN D 137 12.05 14.64 30.28
CA GLN D 137 13.19 13.98 29.66
C GLN D 137 12.85 13.59 28.22
N TYR D 138 13.79 13.85 27.32
CA TYR D 138 13.68 13.36 25.95
C TYR D 138 13.47 11.86 25.93
N ASP D 139 14.16 11.15 26.82
CA ASP D 139 14.01 9.71 26.97
C ASP D 139 12.56 9.29 27.07
N THR D 140 11.75 10.08 27.77
CA THR D 140 10.36 9.72 28.01
C THR D 140 9.56 9.69 26.73
N ILE D 141 9.88 10.60 25.79
CA ILE D 141 9.22 10.63 24.49
C ILE D 141 9.28 9.25 23.84
N TYR D 142 10.48 8.67 23.83
CA TYR D 142 10.70 7.38 23.20
C TYR D 142 9.89 6.29 23.88
N GLN D 143 9.71 6.39 25.20
CA GLN D 143 8.89 5.38 25.86
C GLN D 143 7.40 5.54 25.52
N ILE D 144 6.93 6.78 25.36
CA ILE D 144 5.51 7.01 25.04
C ILE D 144 5.18 6.55 23.62
N PHE D 145 6.12 6.67 22.68
CA PHE D 145 5.81 6.44 21.27
C PHE D 145 6.42 5.17 20.69
N ASN D 146 6.96 4.29 21.53
CA ASN D 146 7.66 3.14 20.96
C ASN D 146 6.65 2.11 20.49
N ASN D 147 7.17 0.96 20.03
CA ASN D 147 6.32 -0.07 19.47
C ASN D 147 5.40 -0.65 20.54
N CYS D 148 5.86 -0.67 21.80
CA CYS D 148 5.06 -1.25 22.88
C CYS D 148 3.88 -0.35 23.26
N HIS D 149 4.12 0.96 23.38
CA HIS D 149 3.13 1.87 23.95
C HIS D 149 2.34 2.68 22.93
N CYS D 150 2.70 2.62 21.64
CA CYS D 150 1.97 3.32 20.57
C CYS D 150 1.74 2.36 19.41
N PRO D 151 0.78 1.44 19.52
CA PRO D 151 0.59 0.46 18.44
C PRO D 151 0.29 1.06 17.08
N GLY D 152 -0.37 2.23 17.04
CA GLY D 152 -0.76 2.83 15.77
C GLY D 152 0.41 3.28 14.91
N LEU D 153 1.57 3.56 15.52
CA LEU D 153 2.75 4.03 14.80
C LEU D 153 3.86 2.98 14.77
N ARG D 154 3.49 1.72 14.89
CA ARG D 154 4.49 0.66 14.85
C ARG D 154 5.07 0.52 13.46
N ASP D 155 6.40 0.44 13.41
CA ASP D 155 7.17 0.34 12.17
C ASP D 155 6.96 1.53 11.23
N LYS D 156 6.50 2.67 11.75
CA LYS D 156 6.41 3.88 10.95
C LYS D 156 7.34 4.97 11.48
N PRO D 157 7.93 5.79 10.60
CA PRO D 157 8.92 6.77 11.05
C PRO D 157 8.29 7.78 12.00
N LYS D 158 8.96 8.00 13.13
CA LYS D 158 8.54 8.95 14.14
C LYS D 158 9.64 10.02 14.19
N VAL D 159 9.37 11.20 13.62
CA VAL D 159 10.37 12.25 13.45
C VAL D 159 10.23 13.27 14.57
N ILE D 160 11.28 13.43 15.37
CA ILE D 160 11.28 14.39 16.47
C ILE D 160 12.13 15.59 16.07
N ILE D 161 11.52 16.78 16.07
CA ILE D 161 12.22 18.05 15.84
C ILE D 161 12.24 18.82 17.14
N VAL D 162 13.43 19.22 17.61
CA VAL D 162 13.52 19.92 18.89
C VAL D 162 14.13 21.32 18.69
N GLN D 163 13.38 22.35 19.04
CA GLN D 163 13.89 23.71 19.05
C GLN D 163 14.08 24.11 20.51
N ALA D 164 15.33 24.09 20.97
CA ALA D 164 15.65 24.39 22.36
C ALA D 164 17.16 24.53 22.52
N ALA D 165 17.55 25.30 23.52
CA ALA D 165 18.90 25.18 24.04
C ALA D 165 19.07 23.81 24.68
N ARG D 166 20.32 23.38 24.81
CA ARG D 166 20.70 22.06 25.31
C ARG D 166 21.67 22.22 26.47
N GLY D 167 21.36 23.15 27.35
CA GLY D 167 22.16 23.54 28.49
C GLY D 167 22.21 25.05 28.51
N GLY D 168 23.24 25.64 29.12
CA GLY D 168 23.37 27.08 29.12
C GLY D 168 22.28 27.81 29.91
N HIS D 202 8.96 -2.80 24.91
CA HIS D 202 10.07 -3.59 24.36
C HIS D 202 10.89 -3.06 23.15
N VAL D 203 10.61 -3.29 21.87
CA VAL D 203 11.59 -2.86 20.86
C VAL D 203 11.44 -1.36 20.63
N GLU D 204 12.58 -0.65 20.48
CA GLU D 204 12.58 0.76 20.08
C GLU D 204 13.18 0.87 18.67
N LYS D 205 12.43 1.43 17.73
CA LYS D 205 12.92 1.56 16.38
C LYS D 205 11.99 2.49 15.60
N ASP D 206 12.48 2.97 14.44
CA ASP D 206 11.78 3.91 13.57
C ASP D 206 11.65 5.32 14.16
N PHE D 207 12.64 5.72 14.95
CA PHE D 207 12.77 7.08 15.44
C PHE D 207 13.89 7.79 14.70
N ILE D 208 13.74 9.10 14.55
CA ILE D 208 14.85 10.00 14.26
C ILE D 208 14.55 11.32 14.93
N ALA D 209 15.60 11.93 15.50
CA ALA D 209 15.50 13.19 16.21
C ALA D 209 16.50 14.18 15.63
N PHE D 210 16.05 15.41 15.39
CA PHE D 210 16.86 16.49 14.83
C PHE D 210 16.79 17.66 15.80
N TYR D 211 17.90 17.91 16.52
CA TYR D 211 18.01 19.00 17.47
C TYR D 211 18.59 20.24 16.83
N SER D 212 18.13 21.41 17.28
CA SER D 212 18.58 22.64 16.68
C SER D 212 20.06 22.92 16.94
N THR D 213 20.63 22.34 17.99
CA THR D 213 22.04 22.59 18.30
C THR D 213 22.59 21.34 18.96
N THR D 214 23.87 21.39 19.34
CA THR D 214 24.56 20.27 19.98
C THR D 214 24.40 20.34 21.48
N PRO D 215 24.65 19.23 22.20
CA PRO D 215 24.64 19.28 23.66
C PRO D 215 25.54 20.39 24.18
N HIS D 216 25.11 21.01 25.28
CA HIS D 216 25.79 22.13 25.95
C HIS D 216 25.77 23.43 25.16
N HIS D 217 25.10 23.49 24.02
CA HIS D 217 25.09 24.72 23.23
C HIS D 217 23.69 25.31 23.16
N LEU D 218 23.63 26.50 22.56
CA LEU D 218 22.40 27.30 22.44
C LEU D 218 21.94 27.37 21.00
N SER D 219 20.71 27.84 20.82
CA SER D 219 20.12 28.06 19.51
C SER D 219 19.87 29.55 19.33
N TYR D 220 20.00 30.06 18.11
CA TYR D 220 20.04 31.50 17.88
C TYR D 220 18.98 31.93 16.87
N ARG D 221 18.60 33.18 16.97
CA ARG D 221 17.55 33.76 16.15
C ARG D 221 18.12 34.94 15.38
N ASP D 222 17.54 35.23 14.21
CA ASP D 222 17.92 36.47 13.55
C ASP D 222 17.15 37.62 14.19
N LYS D 223 17.36 38.85 13.68
CA LYS D 223 16.74 39.99 14.35
C LYS D 223 15.23 40.03 14.18
N THR D 224 14.67 39.35 13.17
CA THR D 224 13.21 39.34 13.05
C THR D 224 12.57 38.41 14.06
N GLY D 225 13.34 37.54 14.72
CA GLY D 225 12.85 36.69 15.78
C GLY D 225 12.79 35.23 15.40
N GLY D 226 12.96 34.89 14.13
CA GLY D 226 12.87 33.50 13.71
C GLY D 226 14.10 32.70 14.09
N SER D 227 13.87 31.49 14.57
CA SER D 227 14.98 30.59 14.86
C SER D 227 15.68 30.25 13.55
N TYR D 228 17.01 30.46 13.50
CA TYR D 228 17.76 30.07 12.31
C TYR D 228 17.51 28.62 11.93
N PHE D 229 17.47 27.72 12.92
CA PHE D 229 17.26 26.30 12.63
C PHE D 229 15.91 26.11 11.94
N ILE D 230 14.84 26.63 12.54
CA ILE D 230 13.48 26.44 12.01
C ILE D 230 13.37 26.98 10.60
N THR D 231 13.97 28.16 10.36
CA THR D 231 13.91 28.82 9.06
C THR D 231 14.61 27.99 7.99
N ARG D 232 15.81 27.48 8.29
CA ARG D 232 16.57 26.76 7.29
C ARG D 232 16.02 25.37 7.03
N LEU D 233 15.58 24.67 8.08
CA LEU D 233 14.89 23.40 7.94
C LEU D 233 13.69 23.53 7.03
N ILE D 234 12.88 24.57 7.26
CA ILE D 234 11.68 24.78 6.45
C ILE D 234 12.08 25.00 5.01
N SER D 235 12.99 25.95 4.74
CA SER D 235 13.37 26.25 3.35
C SER D 235 14.09 25.06 2.68
N CYS D 236 14.87 24.29 3.45
CA CYS D 236 15.48 23.09 2.91
C CYS D 236 14.43 22.05 2.56
N PHE D 237 13.43 21.89 3.44
CA PHE D 237 12.29 21.03 3.12
C PHE D 237 11.61 21.51 1.84
N ARG D 238 11.35 22.83 1.74
CA ARG D 238 10.67 23.37 0.56
C ARG D 238 11.49 23.23 -0.70
N LYS D 239 12.80 23.05 -0.59
CA LYS D 239 13.59 22.90 -1.81
C LYS D 239 13.81 21.45 -2.22
N HIS D 240 13.94 20.50 -1.26
CA HIS D 240 14.44 19.17 -1.57
C HIS D 240 13.53 17.99 -1.24
N ALA D 241 12.39 18.22 -0.59
CA ALA D 241 11.51 17.09 -0.23
C ALA D 241 11.04 16.33 -1.46
N CYS D 242 10.99 17.00 -2.62
CA CYS D 242 10.56 16.38 -3.85
C CYS D 242 11.52 15.29 -4.32
N SER D 243 12.80 15.39 -3.96
CA SER D 243 13.83 14.54 -4.54
C SER D 243 14.82 13.94 -3.56
N CYS D 244 14.76 14.28 -2.27
CA CYS D 244 15.71 13.82 -1.28
C CYS D 244 14.98 13.17 -0.12
N HIS D 245 15.58 12.13 0.45
CA HIS D 245 14.98 11.50 1.61
C HIS D 245 15.34 12.27 2.88
N LEU D 246 14.59 11.98 3.95
CA LEU D 246 14.57 12.81 5.15
C LEU D 246 15.97 13.12 5.66
N PHE D 247 16.86 12.11 5.66
CA PHE D 247 18.22 12.28 6.15
C PHE D 247 19.01 13.23 5.27
N ASP D 248 18.83 13.14 3.96
CA ASP D 248 19.49 14.08 3.06
C ASP D 248 19.09 15.51 3.36
N ILE D 249 17.80 15.74 3.64
CA ILE D 249 17.34 17.10 3.95
C ILE D 249 18.01 17.59 5.22
N PHE D 250 18.02 16.75 6.25
CA PHE D 250 18.69 17.13 7.50
C PHE D 250 20.15 17.46 7.25
N LEU D 251 20.85 16.65 6.44
CA LEU D 251 22.30 16.88 6.26
C LEU D 251 22.57 18.20 5.55
N LYS D 252 21.68 18.58 4.61
CA LYS D 252 21.77 19.86 3.93
C LYS D 252 21.51 21.01 4.87
N VAL D 253 20.59 20.85 5.80
CA VAL D 253 20.42 21.84 6.88
C VAL D 253 21.70 21.99 7.69
N GLN D 254 22.31 20.86 8.06
CA GLN D 254 23.55 20.93 8.85
C GLN D 254 24.68 21.52 8.04
N GLN D 255 24.68 21.27 6.72
CA GLN D 255 25.75 21.83 5.88
C GLN D 255 25.62 23.34 5.78
N SER D 256 24.39 23.86 5.86
CA SER D 256 24.18 25.30 5.84
C SER D 256 24.75 25.95 7.08
N PHE D 257 24.86 25.21 8.18
CA PHE D 257 25.49 25.72 9.39
C PHE D 257 27.01 25.62 9.37
N GLU D 258 27.57 24.85 8.42
CA GLU D 258 29.00 24.91 8.21
C GLU D 258 29.34 26.05 7.25
N LYS D 259 28.55 26.29 6.19
CA LYS D 259 28.85 27.43 5.30
C LYS D 259 28.61 28.76 5.97
N ALA D 260 27.57 28.85 6.75
CA ALA D 260 27.11 30.10 7.28
C ALA D 260 26.99 29.83 8.75
N SER D 261 28.14 29.90 9.43
CA SER D 261 28.18 29.61 10.85
C SER D 261 27.22 30.55 11.58
N ILE D 262 26.64 30.03 12.66
CA ILE D 262 25.78 30.81 13.56
C ILE D 262 26.33 30.56 14.95
N HIS D 263 27.33 31.36 15.34
CA HIS D 263 28.07 31.16 16.60
C HIS D 263 28.60 29.73 16.58
N SER D 264 28.39 28.94 17.63
CA SER D 264 28.80 27.55 17.66
C SER D 264 27.61 26.61 17.50
N GLN D 265 26.52 27.10 16.90
CA GLN D 265 25.30 26.31 16.77
C GLN D 265 25.41 25.33 15.61
N MET D 266 25.10 24.05 15.87
CA MET D 266 25.15 23.03 14.84
C MET D 266 24.04 22.00 15.09
N PRO D 267 23.05 21.90 14.21
CA PRO D 267 22.00 20.88 14.41
C PRO D 267 22.56 19.47 14.42
N THR D 268 21.90 18.60 15.19
CA THR D 268 22.40 17.28 15.55
C THR D 268 21.32 16.22 15.33
N ILE D 269 21.69 15.14 14.65
CA ILE D 269 20.82 13.98 14.47
C ILE D 269 21.11 12.98 15.58
N ASP D 270 20.07 12.59 16.32
CA ASP D 270 20.22 11.84 17.56
C ASP D 270 19.32 10.62 17.56
N ARG D 271 19.83 9.56 18.20
CA ARG D 271 19.09 8.37 18.56
C ARG D 271 18.22 7.89 17.40
N ALA D 272 18.87 7.77 16.24
CA ALA D 272 18.19 7.50 14.98
C ALA D 272 18.17 6.00 14.74
N THR D 273 16.97 5.45 14.57
CA THR D 273 16.77 4.02 14.34
C THR D 273 15.87 3.79 13.14
N LEU D 274 15.91 4.68 12.17
CA LEU D 274 15.19 4.41 10.94
C LEU D 274 15.86 3.24 10.25
N THR D 275 15.06 2.37 9.63
CA THR D 275 15.58 1.22 8.93
C THR D 275 15.51 1.39 7.42
N ARG D 276 14.94 2.51 6.93
CA ARG D 276 14.79 2.73 5.50
C ARG D 276 14.94 4.22 5.22
N TYR D 277 15.06 4.57 3.94
CA TYR D 277 14.95 5.97 3.58
C TYR D 277 13.48 6.40 3.71
N PHE D 278 13.27 7.59 4.24
CA PHE D 278 11.93 8.16 4.41
C PHE D 278 11.81 9.30 3.40
N TYR D 279 11.25 9.00 2.23
CA TYR D 279 10.87 10.02 1.25
C TYR D 279 9.46 10.47 1.57
N LEU D 280 9.21 11.77 1.40
CA LEU D 280 7.88 12.29 1.70
C LEU D 280 6.99 12.42 0.47
N PHE D 281 7.55 12.40 -0.73
CA PHE D 281 6.80 12.51 -1.98
C PHE D 281 5.70 13.59 -1.85
N PRO D 282 6.10 14.84 -1.57
CA PRO D 282 5.08 15.88 -1.34
C PRO D 282 4.08 15.95 -2.49
N GLY D 283 2.81 16.22 -2.14
CA GLY D 283 1.74 16.29 -3.10
C GLY D 283 1.07 14.98 -3.42
N ASN D 284 1.49 13.89 -2.79
CA ASN D 284 0.86 12.59 -3.05
C ASN D 284 0.27 12.00 -1.77
#